data_8OXX
#
_entry.id   8OXX
#
_cell.length_a   79.271
_cell.length_b   65.005
_cell.length_c   90.908
_cell.angle_alpha   90.000
_cell.angle_beta   96.854
_cell.angle_gamma   90.000
#
_symmetry.space_group_name_H-M   'P 1 21 1'
#
loop_
_entity.id
_entity.type
_entity.pdbx_description
1 polymer 'Protein-glutamine gamma-glutamyltransferase E 27 kDa non-catalytic chain'
2 polymer 'Antibody fab fragment heavy chain'
3 polymer 'Antibody fab fragment light chain'
4 non-polymer 'SULFATE ION'
5 non-polymer 1,2-ETHANEDIOL
6 non-polymer 'CALCIUM ION'
7 non-polymer 'benzyl hydrogen carbonate'
8 non-polymer 5-OXO-L-NORLEUCINE
9 non-polymer D-VALINE
10 non-polymer D-PROLINE
11 non-polymer 'METHYL L-LEUCINATE'
12 water water
#
loop_
_entity_poly.entity_id
_entity_poly.type
_entity_poly.pdbx_seq_one_letter_code
_entity_poly.pdbx_strand_id
1 'polypeptide(L)'
;AALGVQSINWQTAFNRQAHHTDKFSSQELILRRGQNFQVLMIMNKGLGSNERLEFIVSTGPYPSESAMTKAVFPLSNGSS
GGWSAVLQASNGNTLTISISSPASAPIGRYTMALQIFSQGGISSVKLGTFILLFNPWLNVDSVFMGNHAEREEYVQEDAG
IIFVGSTNRIGMIGWNFGQFEEDILSICLSILDRSLNFRRDAATDVASRNDPKYVGRVLSAMINSNDDNGVLAGNWSGTY
TGGRDPRSWNGSVEILKNWKKSGFSPVRYGQCWVFAGTLNTALRSLGIPSRVITNFNSAHDTDRNLSVDVYYDPMGNPLD
KGSDSVWNFHVWNEGWFVRSDLGPSYGGWQVLDATPQERSQGVFQCGPASVIGVREGDVQLNFDMPFIFAEVNADRITWL
YDNTTGKQWKNSVNSHTIGRYISTKAVGSNARMDVTDKYKYPEGSDQERQVFQKALGKLK
;
A
2 'polypeptide(L)'
;EVQLVESGGGLVQPGRSLRLSCTASGFTFDDYAMHWVRQAPGKGLEWVSRISWNSRSIAYADSVKGRFTISRDSAKNSLY
LQMNSLRTEDTALYYCAKDHYLGSDSYGMDVWGQGTTVTVSSASTKGPSVFPLAPSSKSTSGGTAALGCLVKDYFPEPVT
VSWNSGALTSGVHTFPAVLQSSGLYSLSSVVTVPSSSLGTQTYICNVNHKPSNTKVDKRVEPK
;
B
3 'polypeptide(L)'
;NFMLTQPHSVSESPGKTVTISCTRSSGSIDSNYVQWYQQRPGSAPTIVIHEDNQRPSGVPDRFSGSIDTSSNSASLTISG
LKTEDEADYYCQSYDPSNVVFGGGTKLTVLGQPKAAPSVTLFPPSSEELQANKATLVCLISDFYPGAVTVAWKADSSPVK
AGVETTTPSKQSNNKYAASSYLSLTPEQWKSHRSYSCQVTHEGSTVEKTVAPTECS
;
C
#
# COMPACT_ATOMS: atom_id res chain seq x y z
N ALA A 1 -38.45 -4.46 -28.03
CA ALA A 1 -37.10 -4.04 -27.54
C ALA A 1 -37.02 -2.52 -27.38
N ALA A 2 -36.72 -2.03 -26.17
CA ALA A 2 -36.56 -0.60 -25.89
C ALA A 2 -35.13 -0.09 -26.20
N LEU A 3 -34.96 1.20 -26.56
CA LEU A 3 -33.66 1.72 -26.96
C LEU A 3 -32.63 1.66 -25.83
N GLY A 4 -31.58 0.85 -26.01
CA GLY A 4 -30.48 0.75 -25.05
C GLY A 4 -29.10 0.85 -25.72
N VAL A 5 -28.05 0.85 -24.90
CA VAL A 5 -26.68 0.92 -25.38
C VAL A 5 -26.15 -0.49 -25.39
N GLN A 6 -25.61 -0.96 -26.54
CA GLN A 6 -24.94 -2.24 -26.64
C GLN A 6 -23.49 -2.13 -26.16
N SER A 7 -22.80 -1.03 -26.48
CA SER A 7 -21.38 -0.83 -26.23
C SER A 7 -20.92 0.54 -26.74
N ILE A 8 -19.80 1.02 -26.20
CA ILE A 8 -19.27 2.34 -26.55
C ILE A 8 -17.76 2.25 -26.81
N ASN A 9 -17.34 2.83 -27.94
CA ASN A 9 -15.92 2.90 -28.22
C ASN A 9 -15.41 4.31 -28.01
N TRP A 10 -14.60 4.50 -26.95
CA TRP A 10 -14.10 5.79 -26.51
C TRP A 10 -12.96 6.33 -27.36
N GLN A 11 -12.40 5.47 -28.22
CA GLN A 11 -11.35 5.90 -29.15
C GLN A 11 -10.21 6.56 -28.35
N THR A 12 -9.85 5.84 -27.28
CA THR A 12 -9.01 6.42 -26.25
C THR A 12 -7.68 6.90 -26.83
N ALA A 13 -7.01 6.01 -27.56
CA ALA A 13 -5.66 6.33 -27.96
C ALA A 13 -5.73 7.60 -28.79
N PHE A 14 -6.69 7.62 -29.74
CA PHE A 14 -6.88 8.75 -30.64
C PHE A 14 -7.13 10.06 -29.87
N ASN A 15 -8.11 10.05 -28.94
CA ASN A 15 -8.45 11.29 -28.23
C ASN A 15 -7.30 11.76 -27.35
N ARG A 16 -6.61 10.83 -26.67
CA ARG A 16 -5.44 11.15 -25.85
C ARG A 16 -4.38 11.87 -26.68
N GLN A 17 -4.16 11.39 -27.89
CA GLN A 17 -3.17 12.03 -28.76
C GLN A 17 -3.60 13.46 -29.04
N ALA A 18 -4.89 13.69 -29.38
CA ALA A 18 -5.34 15.01 -29.78
C ALA A 18 -5.42 15.98 -28.61
N HIS A 19 -5.62 15.43 -27.40
CA HIS A 19 -5.70 16.19 -26.18
C HIS A 19 -4.30 16.36 -25.53
N HIS A 20 -3.28 15.73 -26.14
CA HIS A 20 -1.92 15.83 -25.64
C HIS A 20 -1.81 15.24 -24.22
N THR A 21 -2.38 14.07 -24.04
CA THR A 21 -2.29 13.38 -22.79
C THR A 21 -1.83 11.96 -23.06
N ASP A 22 -1.30 11.71 -24.25
CA ASP A 22 -1.00 10.35 -24.68
C ASP A 22 0.24 9.83 -23.94
N LYS A 23 0.98 10.69 -23.22
CA LYS A 23 2.22 10.25 -22.57
C LYS A 23 2.04 9.63 -21.17
N PHE A 24 0.96 9.95 -20.44
CA PHE A 24 0.73 9.33 -19.14
C PHE A 24 0.68 7.81 -19.25
N SER A 25 1.30 7.13 -18.28
CA SER A 25 1.21 5.68 -18.22
C SER A 25 -0.10 5.37 -17.48
N SER A 26 -1.10 4.94 -18.24
CA SER A 26 -2.46 4.77 -17.71
C SER A 26 -3.29 4.20 -18.85
N GLN A 27 -4.22 3.30 -18.55
CA GLN A 27 -5.28 2.90 -19.49
C GLN A 27 -6.51 3.82 -19.36
N GLU A 28 -6.51 4.88 -18.54
CA GLU A 28 -7.69 5.73 -18.47
C GLU A 28 -7.81 6.64 -19.70
N LEU A 29 -9.02 7.18 -19.88
CA LEU A 29 -9.31 8.27 -20.80
C LEU A 29 -9.00 9.56 -20.08
N ILE A 30 -7.95 10.23 -20.53
CA ILE A 30 -7.48 11.48 -19.98
C ILE A 30 -7.66 12.53 -21.08
N LEU A 31 -8.24 13.68 -20.69
CA LEU A 31 -8.81 14.65 -21.61
C LEU A 31 -8.49 16.04 -21.08
N ARG A 32 -8.57 17.03 -21.98
CA ARG A 32 -8.39 18.40 -21.55
C ARG A 32 -9.67 19.16 -21.85
N ARG A 33 -9.98 20.11 -20.97
CA ARG A 33 -11.24 20.80 -21.00
C ARG A 33 -11.25 21.76 -22.18
N GLY A 34 -12.46 22.05 -22.68
CA GLY A 34 -12.69 23.06 -23.70
C GLY A 34 -12.50 22.48 -25.11
N GLN A 35 -12.30 21.15 -25.15
CA GLN A 35 -11.83 20.50 -26.36
C GLN A 35 -12.72 19.27 -26.60
N ASN A 36 -13.24 19.13 -27.82
CA ASN A 36 -14.11 18.00 -28.09
C ASN A 36 -13.32 16.68 -28.09
N PHE A 37 -14.03 15.57 -27.85
CA PHE A 37 -13.52 14.25 -28.12
C PHE A 37 -14.65 13.47 -28.79
N GLN A 38 -14.28 12.41 -29.52
CA GLN A 38 -15.23 11.66 -30.33
C GLN A 38 -15.35 10.22 -29.84
N VAL A 39 -16.59 9.78 -29.73
CA VAL A 39 -16.84 8.43 -29.32
C VAL A 39 -17.82 7.83 -30.34
N LEU A 40 -17.86 6.49 -30.36
CA LEU A 40 -18.78 5.72 -31.18
C LEU A 40 -19.70 5.00 -30.24
N MET A 41 -21.00 5.23 -30.37
CA MET A 41 -21.91 4.56 -29.48
C MET A 41 -22.75 3.59 -30.28
N ILE A 42 -22.67 2.29 -29.95
CA ILE A 42 -23.41 1.25 -30.66
C ILE A 42 -24.69 0.89 -29.91
N MET A 43 -25.84 1.33 -30.43
CA MET A 43 -27.11 1.12 -29.76
C MET A 43 -27.71 -0.23 -30.19
N ASN A 44 -28.86 -0.60 -29.62
CA ASN A 44 -29.58 -1.79 -30.05
C ASN A 44 -30.44 -1.46 -31.28
N LYS A 45 -30.66 -0.18 -31.61
CA LYS A 45 -31.41 0.15 -32.81
C LYS A 45 -31.11 1.57 -33.32
N GLY A 46 -31.86 2.00 -34.36
CA GLY A 46 -31.91 3.41 -34.74
C GLY A 46 -32.61 4.30 -33.70
N LEU A 47 -32.19 5.57 -33.63
CA LEU A 47 -32.97 6.63 -33.01
C LEU A 47 -34.31 6.86 -33.74
N GLY A 48 -35.44 6.73 -33.00
CA GLY A 48 -36.77 7.13 -33.44
C GLY A 48 -36.99 8.65 -33.22
N SER A 49 -38.12 9.17 -33.71
CA SER A 49 -38.28 10.62 -33.87
C SER A 49 -38.50 11.31 -32.52
N ASN A 50 -38.90 10.50 -31.52
CA ASN A 50 -39.49 10.94 -30.26
C ASN A 50 -38.64 10.53 -29.05
N GLU A 51 -37.54 9.78 -29.27
CA GLU A 51 -36.69 9.22 -28.22
C GLU A 51 -35.53 10.15 -27.95
N ARG A 52 -35.06 10.21 -26.70
CA ARG A 52 -34.12 11.24 -26.26
C ARG A 52 -32.93 10.59 -25.51
N LEU A 53 -31.69 10.99 -25.84
CA LEU A 53 -30.52 10.54 -25.09
C LEU A 53 -30.00 11.73 -24.34
N GLU A 54 -29.82 11.57 -23.01
CA GLU A 54 -29.24 12.60 -22.15
C GLU A 54 -27.91 12.14 -21.55
N PHE A 55 -26.89 12.96 -21.71
CA PHE A 55 -25.61 12.65 -21.09
C PHE A 55 -25.57 13.28 -19.70
N ILE A 56 -24.92 12.59 -18.73
CA ILE A 56 -24.72 13.16 -17.43
C ILE A 56 -23.26 12.99 -16.99
N VAL A 57 -22.66 14.10 -16.56
CA VAL A 57 -21.27 14.09 -16.13
C VAL A 57 -21.29 14.74 -14.76
N SER A 58 -20.57 14.08 -13.83
CA SER A 58 -20.43 14.58 -12.48
C SER A 58 -19.01 14.29 -11.98
N THR A 59 -18.57 15.21 -11.11
CA THR A 59 -17.27 15.13 -10.49
C THR A 59 -17.44 15.48 -9.02
N GLY A 60 -16.82 14.65 -8.19
CA GLY A 60 -16.81 14.93 -6.77
C GLY A 60 -18.06 14.41 -6.08
N PRO A 61 -18.09 14.54 -4.74
CA PRO A 61 -19.05 13.80 -3.93
C PRO A 61 -20.40 14.51 -3.76
N TYR A 62 -20.48 15.83 -4.05
CA TYR A 62 -21.75 16.54 -3.93
C TYR A 62 -22.01 17.35 -5.20
N PRO A 63 -22.16 16.70 -6.36
CA PRO A 63 -22.15 17.42 -7.62
C PRO A 63 -23.48 18.08 -7.91
N SER A 64 -23.43 19.23 -8.56
CA SER A 64 -24.63 19.99 -8.81
C SER A 64 -24.44 20.89 -10.03
N GLU A 65 -25.53 21.01 -10.81
CA GLU A 65 -25.59 21.95 -11.92
C GLU A 65 -25.13 23.38 -11.58
N SER A 66 -25.54 23.92 -10.44
CA SER A 66 -25.32 25.33 -10.18
C SER A 66 -23.85 25.64 -9.86
N ALA A 67 -23.15 24.64 -9.27
CA ALA A 67 -21.72 24.71 -8.96
C ALA A 67 -20.85 24.24 -10.14
N MET A 68 -21.47 23.68 -11.19
CA MET A 68 -20.91 23.42 -12.49
C MET A 68 -20.18 22.07 -12.42
N THR A 69 -20.57 21.23 -11.44
CA THR A 69 -19.89 20.01 -11.12
C THR A 69 -20.74 18.81 -11.51
N LYS A 70 -21.96 19.07 -11.96
CA LYS A 70 -22.77 18.12 -12.71
C LYS A 70 -23.35 18.80 -13.95
N ALA A 71 -23.41 18.09 -15.07
CA ALA A 71 -24.04 18.64 -16.28
C ALA A 71 -24.90 17.59 -16.97
N VAL A 72 -26.01 18.05 -17.53
CA VAL A 72 -26.99 17.19 -18.16
C VAL A 72 -27.20 17.78 -19.55
N PHE A 73 -26.95 17.00 -20.60
CA PHE A 73 -26.94 17.56 -21.94
C PHE A 73 -27.43 16.52 -22.94
N PRO A 74 -28.39 16.93 -23.81
CA PRO A 74 -28.98 16.01 -24.78
C PRO A 74 -28.04 15.77 -25.96
N LEU A 75 -28.14 14.56 -26.50
CA LEU A 75 -27.55 14.31 -27.78
C LEU A 75 -28.32 15.19 -28.76
N SER A 76 -27.59 15.92 -29.59
CA SER A 76 -28.14 17.08 -30.28
C SER A 76 -27.61 17.14 -31.72
N ASN A 77 -28.28 17.93 -32.55
CA ASN A 77 -27.73 18.27 -33.85
C ASN A 77 -27.06 19.66 -33.79
N GLY A 78 -27.33 20.43 -32.74
CA GLY A 78 -26.85 21.80 -32.65
C GLY A 78 -25.50 21.96 -31.93
N SER A 79 -24.81 23.01 -32.39
CA SER A 79 -23.92 23.88 -31.65
C SER A 79 -24.53 24.41 -30.32
N SER A 80 -24.10 23.87 -29.15
CA SER A 80 -24.40 24.42 -27.83
C SER A 80 -23.11 24.95 -27.19
N GLY A 81 -23.23 25.70 -26.10
CA GLY A 81 -22.08 26.35 -25.47
C GLY A 81 -21.46 25.63 -24.25
N GLY A 82 -22.19 24.73 -23.56
CA GLY A 82 -21.70 24.26 -22.26
C GLY A 82 -20.90 22.95 -22.38
N TRP A 83 -21.33 21.95 -21.62
CA TRP A 83 -21.08 20.57 -22.02
C TRP A 83 -22.00 20.33 -23.19
N SER A 84 -21.55 19.64 -24.25
CA SER A 84 -22.47 19.32 -25.33
C SER A 84 -22.03 18.04 -26.00
N ALA A 85 -23.05 17.42 -26.62
CA ALA A 85 -22.89 16.21 -27.40
C ALA A 85 -23.55 16.45 -28.77
N VAL A 86 -22.73 16.36 -29.83
CA VAL A 86 -23.18 16.59 -31.18
C VAL A 86 -23.20 15.27 -31.92
N LEU A 87 -24.30 15.02 -32.62
CA LEU A 87 -24.39 13.80 -33.38
C LEU A 87 -23.80 14.06 -34.75
N GLN A 88 -22.62 13.48 -35.01
CA GLN A 88 -21.97 13.70 -36.30
C GLN A 88 -22.53 12.79 -37.40
N ALA A 89 -22.86 11.56 -37.10
CA ALA A 89 -23.34 10.62 -38.10
C ALA A 89 -24.02 9.47 -37.39
N SER A 90 -25.07 8.90 -38.03
CA SER A 90 -25.65 7.62 -37.67
C SER A 90 -25.48 6.64 -38.83
N ASN A 91 -25.14 5.41 -38.48
CA ASN A 91 -24.81 4.40 -39.46
C ASN A 91 -25.36 3.10 -38.88
N GLY A 92 -26.61 2.85 -39.25
CA GLY A 92 -27.38 1.76 -38.70
C GLY A 92 -27.64 2.02 -37.22
N ASN A 93 -27.00 1.25 -36.37
CA ASN A 93 -27.26 1.36 -34.95
C ASN A 93 -26.18 2.26 -34.32
N THR A 94 -25.10 2.54 -35.07
CA THR A 94 -23.90 3.16 -34.52
C THR A 94 -23.92 4.67 -34.65
N LEU A 95 -23.70 5.37 -33.54
CA LEU A 95 -23.74 6.81 -33.57
C LEU A 95 -22.35 7.33 -33.38
N THR A 96 -21.94 8.29 -34.22
CA THR A 96 -20.65 8.94 -34.07
C THR A 96 -20.86 10.28 -33.35
N ILE A 97 -20.28 10.44 -32.15
CA ILE A 97 -20.65 11.55 -31.31
C ILE A 97 -19.43 12.35 -30.88
N SER A 98 -19.55 13.69 -31.01
CA SER A 98 -18.52 14.65 -30.59
C SER A 98 -18.94 15.36 -29.30
N ILE A 99 -18.28 15.01 -28.19
CA ILE A 99 -18.56 15.63 -26.90
C ILE A 99 -17.53 16.72 -26.61
N SER A 100 -17.97 17.89 -26.13
CA SER A 100 -17.04 18.85 -25.56
C SER A 100 -17.47 19.29 -24.16
N SER A 101 -16.45 19.74 -23.44
CA SER A 101 -16.58 20.32 -22.12
C SER A 101 -16.40 21.81 -22.26
N PRO A 102 -16.96 22.65 -21.37
CA PRO A 102 -16.62 24.08 -21.37
C PRO A 102 -15.17 24.26 -20.94
N ALA A 103 -14.57 25.38 -21.33
CA ALA A 103 -13.18 25.71 -20.98
C ALA A 103 -13.05 26.20 -19.53
N SER A 104 -14.19 26.26 -18.84
CA SER A 104 -14.26 26.75 -17.48
C SER A 104 -14.60 25.61 -16.55
N ALA A 105 -14.64 24.38 -17.09
CA ALA A 105 -15.05 23.19 -16.33
C ALA A 105 -14.06 22.84 -15.22
N PRO A 106 -14.54 22.44 -14.03
CA PRO A 106 -13.64 21.96 -12.96
C PRO A 106 -12.75 20.84 -13.47
N ILE A 107 -11.45 20.87 -13.18
CA ILE A 107 -10.66 19.67 -13.46
C ILE A 107 -10.94 18.61 -12.41
N GLY A 108 -10.86 17.38 -12.86
CA GLY A 108 -10.90 16.27 -11.95
C GLY A 108 -11.30 14.98 -12.67
N ARG A 109 -11.69 14.01 -11.83
CA ARG A 109 -12.25 12.75 -12.22
C ARG A 109 -13.76 12.94 -12.29
N TYR A 110 -14.31 12.49 -13.42
CA TYR A 110 -15.72 12.61 -13.72
C TYR A 110 -16.29 11.24 -14.02
N THR A 111 -17.60 11.13 -13.87
CA THR A 111 -18.35 9.93 -14.17
C THR A 111 -19.26 10.32 -15.30
N MET A 112 -19.56 9.38 -16.19
CA MET A 112 -20.38 9.68 -17.34
C MET A 112 -21.39 8.56 -17.47
N ALA A 113 -22.63 9.01 -17.57
CA ALA A 113 -23.79 8.14 -17.54
C ALA A 113 -24.72 8.62 -18.66
N LEU A 114 -25.60 7.75 -19.12
CA LEU A 114 -26.51 8.09 -20.18
C LEU A 114 -27.91 7.65 -19.76
N GLN A 115 -28.83 8.59 -19.95
CA GLN A 115 -30.20 8.44 -19.50
C GLN A 115 -31.04 8.49 -20.77
N ILE A 116 -31.86 7.46 -21.00
CA ILE A 116 -32.60 7.30 -22.25
C ILE A 116 -34.09 7.37 -21.96
N PHE A 117 -34.79 8.15 -22.77
CA PHE A 117 -36.22 8.34 -22.66
C PHE A 117 -36.86 7.72 -23.90
N SER A 118 -37.58 6.62 -23.74
CA SER A 118 -38.19 5.94 -24.86
C SER A 118 -39.30 5.01 -24.39
N GLN A 119 -40.48 5.09 -25.05
CA GLN A 119 -41.60 4.21 -24.74
C GLN A 119 -42.12 4.58 -23.36
N GLY A 120 -42.22 5.89 -23.10
CA GLY A 120 -42.62 6.38 -21.78
C GLY A 120 -41.95 5.64 -20.61
N GLY A 121 -40.71 5.18 -20.83
CA GLY A 121 -39.84 4.64 -19.80
C GLY A 121 -38.52 5.41 -19.76
N ILE A 122 -37.72 5.14 -18.76
CA ILE A 122 -36.44 5.81 -18.59
C ILE A 122 -35.41 4.77 -18.18
N SER A 123 -34.26 4.78 -18.84
CA SER A 123 -33.15 3.94 -18.44
C SER A 123 -31.94 4.82 -18.18
N SER A 124 -31.01 4.28 -17.41
CA SER A 124 -29.89 5.06 -16.90
C SER A 124 -28.76 4.06 -16.73
N VAL A 125 -27.64 4.28 -17.40
CA VAL A 125 -26.52 3.37 -17.29
C VAL A 125 -25.25 4.21 -17.21
N LYS A 126 -24.24 3.63 -16.54
CA LYS A 126 -22.92 4.23 -16.40
C LYS A 126 -22.11 3.79 -17.60
N LEU A 127 -21.61 4.78 -18.36
CA LEU A 127 -20.75 4.54 -19.52
C LEU A 127 -19.28 4.44 -19.14
N GLY A 128 -18.86 5.19 -18.12
CA GLY A 128 -17.44 5.26 -17.84
C GLY A 128 -17.06 6.53 -17.11
N THR A 129 -15.73 6.71 -17.02
CA THR A 129 -15.09 7.71 -16.21
C THR A 129 -13.99 8.33 -17.05
N PHE A 130 -13.66 9.57 -16.76
CA PHE A 130 -12.51 10.17 -17.39
C PHE A 130 -11.90 11.18 -16.43
N ILE A 131 -10.73 11.59 -16.82
CA ILE A 131 -10.05 12.64 -16.10
C ILE A 131 -10.08 13.80 -17.07
N LEU A 132 -10.24 14.98 -16.50
CA LEU A 132 -10.28 16.21 -17.23
C LEU A 132 -9.26 17.12 -16.60
N LEU A 133 -8.31 17.63 -17.43
CA LEU A 133 -7.24 18.50 -16.96
C LEU A 133 -7.41 19.88 -17.54
N PHE A 134 -6.51 20.76 -17.10
CA PHE A 134 -6.36 22.08 -17.70
C PHE A 134 -5.80 21.96 -19.10
N ASN A 135 -6.14 22.94 -19.97
CA ASN A 135 -5.80 22.83 -21.37
C ASN A 135 -4.96 24.02 -21.85
N PRO A 136 -3.62 23.92 -21.74
CA PRO A 136 -2.75 25.01 -22.19
C PRO A 136 -2.55 25.17 -23.70
N TRP A 137 -3.12 24.27 -24.51
CA TRP A 137 -3.17 24.46 -25.96
C TRP A 137 -4.43 25.23 -26.42
N LEU A 138 -5.30 25.64 -25.50
CA LEU A 138 -6.58 26.22 -25.83
C LEU A 138 -6.60 27.69 -25.46
N ASN A 139 -6.78 28.52 -26.49
CA ASN A 139 -6.50 29.93 -26.39
C ASN A 139 -7.40 30.60 -25.34
N VAL A 140 -8.59 30.03 -25.05
CA VAL A 140 -9.47 30.62 -24.05
C VAL A 140 -9.24 30.07 -22.65
N ASP A 141 -8.58 28.92 -22.47
CA ASP A 141 -8.32 28.45 -21.11
C ASP A 141 -7.41 29.48 -20.44
N SER A 142 -7.55 29.66 -19.14
CA SER A 142 -6.72 30.60 -18.41
C SER A 142 -5.23 30.19 -18.44
N VAL A 143 -4.96 28.90 -18.67
CA VAL A 143 -3.57 28.47 -18.62
C VAL A 143 -2.98 28.48 -20.02
N PHE A 144 -3.56 29.25 -20.94
CA PHE A 144 -3.08 29.19 -22.32
C PHE A 144 -1.61 29.61 -22.38
N MET A 145 -0.81 28.76 -23.01
CA MET A 145 0.56 29.13 -23.34
C MET A 145 0.74 28.94 -24.86
N GLY A 146 0.73 30.04 -25.62
CA GLY A 146 0.70 29.95 -27.07
C GLY A 146 2.00 29.47 -27.73
N ASN A 147 3.14 29.79 -27.11
CA ASN A 147 4.41 29.38 -27.67
C ASN A 147 4.61 27.87 -27.50
N HIS A 148 4.90 27.13 -28.60
CA HIS A 148 4.93 25.67 -28.62
C HIS A 148 6.14 25.08 -27.88
N ALA A 149 7.35 25.58 -28.17
CA ALA A 149 8.54 25.16 -27.47
C ALA A 149 8.36 25.34 -25.95
N GLU A 150 7.85 26.49 -25.51
CA GLU A 150 7.67 26.80 -24.10
C GLU A 150 6.72 25.77 -23.45
N ARG A 151 5.70 25.38 -24.22
CA ARG A 151 4.66 24.49 -23.76
C ARG A 151 5.23 23.11 -23.56
N GLU A 152 6.01 22.63 -24.51
CA GLU A 152 6.64 21.31 -24.38
C GLU A 152 7.59 21.25 -23.16
N GLU A 153 8.19 22.38 -22.81
CA GLU A 153 9.10 22.41 -21.68
C GLU A 153 8.26 22.31 -20.40
N TYR A 154 7.29 23.21 -20.31
CA TYR A 154 6.73 23.63 -19.04
C TYR A 154 5.52 22.77 -18.67
N VAL A 155 5.10 21.90 -19.59
CA VAL A 155 4.01 20.97 -19.40
C VAL A 155 4.54 19.54 -19.59
N GLN A 156 5.11 19.24 -20.76
CA GLN A 156 5.33 17.89 -21.23
C GLN A 156 6.72 17.36 -20.86
N GLU A 157 7.60 18.22 -20.33
CA GLU A 157 8.94 17.76 -19.99
C GLU A 157 8.96 17.20 -18.56
N ASP A 158 9.25 15.90 -18.41
CA ASP A 158 9.20 15.19 -17.15
C ASP A 158 10.56 15.14 -16.46
N ALA A 159 11.56 15.82 -17.02
CA ALA A 159 12.87 15.81 -16.41
C ALA A 159 13.46 17.21 -16.47
N GLY A 160 14.13 17.57 -15.40
CA GLY A 160 14.57 18.93 -15.19
C GLY A 160 15.89 19.04 -14.43
N ILE A 161 16.13 20.26 -14.01
CA ILE A 161 17.38 20.68 -13.41
C ILE A 161 16.99 21.77 -12.41
N ILE A 162 17.47 21.63 -11.18
CA ILE A 162 17.34 22.67 -10.17
C ILE A 162 18.74 23.21 -9.86
N PHE A 163 18.85 24.53 -9.80
CA PHE A 163 20.08 25.19 -9.36
C PHE A 163 20.13 25.29 -7.83
N VAL A 164 21.34 25.12 -7.24
CA VAL A 164 21.47 25.00 -5.79
C VAL A 164 22.81 25.55 -5.31
N GLY A 165 22.92 25.73 -3.98
CA GLY A 165 24.16 26.05 -3.27
C GLY A 165 24.20 27.52 -2.84
N SER A 166 25.30 28.22 -3.15
CA SER A 166 25.42 29.63 -2.79
C SER A 166 26.07 30.37 -3.94
N THR A 167 26.02 31.71 -3.98
CA THR A 167 26.51 32.52 -5.10
C THR A 167 27.91 32.14 -5.57
N ASN A 168 28.78 31.74 -4.62
CA ASN A 168 30.19 31.42 -4.85
C ASN A 168 30.33 29.96 -5.31
N ARG A 169 29.36 29.14 -4.90
CA ARG A 169 29.39 27.71 -5.08
C ARG A 169 28.08 27.29 -5.71
N ILE A 170 27.87 27.63 -6.99
CA ILE A 170 26.68 27.15 -7.66
C ILE A 170 26.87 25.70 -8.08
N GLY A 171 25.81 24.92 -7.89
CA GLY A 171 25.63 23.55 -8.34
C GLY A 171 24.25 23.40 -8.96
N MET A 172 23.97 22.20 -9.45
CA MET A 172 22.71 21.92 -10.08
C MET A 172 22.43 20.44 -9.86
N ILE A 173 21.15 20.10 -9.61
CA ILE A 173 20.80 18.72 -9.45
C ILE A 173 19.73 18.31 -10.45
N GLY A 174 19.94 17.08 -10.97
CA GLY A 174 18.97 16.32 -11.74
C GLY A 174 17.69 16.09 -10.95
N TRP A 175 16.57 16.33 -11.60
CA TRP A 175 15.32 16.08 -10.93
C TRP A 175 14.35 15.49 -11.94
N ASN A 176 13.89 14.28 -11.61
CA ASN A 176 12.87 13.59 -12.35
C ASN A 176 11.47 13.97 -11.84
N PHE A 177 10.80 14.84 -12.58
CA PHE A 177 9.44 15.23 -12.27
C PHE A 177 8.52 14.04 -12.37
N GLY A 178 8.69 13.22 -13.41
CA GLY A 178 8.06 11.91 -13.55
C GLY A 178 6.53 11.93 -13.63
N GLN A 179 5.93 13.05 -14.07
CA GLN A 179 4.48 13.21 -14.10
C GLN A 179 3.79 12.08 -14.85
N PHE A 180 4.49 11.46 -15.82
CA PHE A 180 3.89 10.43 -16.66
C PHE A 180 4.07 9.02 -16.11
N GLU A 181 4.81 8.82 -15.01
CA GLU A 181 4.97 7.47 -14.44
C GLU A 181 3.66 6.96 -13.82
N GLU A 182 3.55 5.63 -13.75
CA GLU A 182 2.33 4.98 -13.28
C GLU A 182 1.85 5.54 -11.92
N ASP A 183 0.55 5.89 -11.85
CA ASP A 183 -0.19 6.24 -10.64
C ASP A 183 0.02 7.71 -10.26
N ILE A 184 0.93 8.43 -10.93
CA ILE A 184 1.31 9.75 -10.47
C ILE A 184 0.23 10.76 -10.80
N LEU A 185 -0.27 10.77 -12.05
CA LEU A 185 -1.37 11.67 -12.28
C LEU A 185 -2.47 11.36 -11.27
N SER A 186 -2.79 10.09 -11.10
CA SER A 186 -3.84 9.76 -10.17
C SER A 186 -3.58 10.29 -8.76
N ILE A 187 -2.36 10.11 -8.26
CA ILE A 187 -2.03 10.60 -6.92
C ILE A 187 -2.17 12.12 -6.80
N CYS A 188 -1.72 12.86 -7.83
CA CYS A 188 -1.82 14.32 -7.81
C CYS A 188 -3.26 14.79 -7.76
N LEU A 189 -4.18 14.02 -8.33
CA LEU A 189 -5.62 14.28 -8.22
C LEU A 189 -6.12 14.00 -6.81
N SER A 190 -5.72 12.86 -6.23
CA SER A 190 -5.93 12.57 -4.83
C SER A 190 -5.63 13.78 -3.95
N ILE A 191 -4.54 14.50 -4.27
CA ILE A 191 -4.08 15.52 -3.36
C ILE A 191 -5.22 16.50 -3.10
N LEU A 192 -5.90 16.90 -4.17
CA LEU A 192 -6.92 17.92 -4.05
C LEU A 192 -8.08 17.48 -3.17
N ASP A 193 -8.35 16.16 -3.11
CA ASP A 193 -9.40 15.59 -2.28
C ASP A 193 -8.96 15.38 -0.83
N ARG A 194 -7.79 15.92 -0.46
CA ARG A 194 -7.32 15.72 0.90
C ARG A 194 -6.95 17.05 1.54
N SER A 195 -7.14 18.18 0.85
CA SER A 195 -6.86 19.49 1.41
C SER A 195 -7.80 19.78 2.58
N LEU A 196 -7.45 20.80 3.36
CA LEU A 196 -8.36 21.42 4.33
C LEU A 196 -9.60 21.98 3.63
N ASN A 197 -9.35 22.79 2.61
CA ASN A 197 -10.37 23.34 1.74
C ASN A 197 -11.44 22.30 1.43
N PHE A 198 -11.03 21.06 1.13
CA PHE A 198 -11.96 20.00 0.75
C PHE A 198 -12.59 19.35 1.99
N ARG A 199 -11.81 19.21 3.09
CA ARG A 199 -12.31 18.56 4.29
C ARG A 199 -13.42 19.40 4.89
N ARG A 200 -13.34 20.72 4.71
CA ARG A 200 -14.28 21.62 5.35
C ARG A 200 -15.46 21.91 4.44
N ASP A 201 -15.27 21.97 3.12
CA ASP A 201 -16.41 22.16 2.23
C ASP A 201 -16.15 21.57 0.84
N ALA A 202 -16.36 20.25 0.74
CA ALA A 202 -16.01 19.52 -0.46
C ALA A 202 -16.72 20.10 -1.68
N ALA A 203 -17.99 20.47 -1.52
CA ALA A 203 -18.81 20.77 -2.69
C ALA A 203 -18.26 22.02 -3.36
N THR A 204 -17.83 22.95 -2.50
CA THR A 204 -17.37 24.24 -2.97
C THR A 204 -15.91 24.09 -3.39
N ASP A 205 -15.15 23.22 -2.71
CA ASP A 205 -13.78 23.01 -3.13
C ASP A 205 -13.75 22.50 -4.59
N VAL A 206 -14.60 21.52 -4.89
CA VAL A 206 -14.55 20.88 -6.21
C VAL A 206 -15.01 21.87 -7.30
N ALA A 207 -15.98 22.73 -6.97
CA ALA A 207 -16.37 23.78 -7.89
C ALA A 207 -15.23 24.75 -8.15
N SER A 208 -14.35 24.94 -7.16
CA SER A 208 -13.27 25.88 -7.34
C SER A 208 -12.12 25.28 -8.17
N ARG A 209 -12.22 24.01 -8.53
CA ARG A 209 -11.15 23.36 -9.26
C ARG A 209 -11.09 23.81 -10.72
N ASN A 210 -12.05 24.64 -11.15
CA ASN A 210 -11.98 25.19 -12.47
C ASN A 210 -10.95 26.31 -12.54
N ASP A 211 -10.43 26.69 -11.37
CA ASP A 211 -9.63 27.90 -11.28
C ASP A 211 -8.18 27.57 -10.88
N PRO A 212 -7.19 27.87 -11.74
CA PRO A 212 -5.79 27.50 -11.45
C PRO A 212 -5.17 28.32 -10.35
N LYS A 213 -5.75 29.48 -10.04
CA LYS A 213 -5.30 30.23 -8.89
C LYS A 213 -5.55 29.39 -7.63
N TYR A 214 -6.71 28.72 -7.65
CA TYR A 214 -7.23 28.02 -6.49
C TYR A 214 -6.55 26.67 -6.36
N VAL A 215 -6.65 25.84 -7.40
CA VAL A 215 -5.87 24.62 -7.46
C VAL A 215 -4.40 24.86 -7.10
N GLY A 216 -3.77 25.87 -7.69
CA GLY A 216 -2.37 26.16 -7.46
C GLY A 216 -2.04 26.46 -6.00
N ARG A 217 -2.90 27.24 -5.32
CA ARG A 217 -2.64 27.59 -3.94
C ARG A 217 -2.90 26.42 -3.00
N VAL A 218 -3.92 25.62 -3.28
CA VAL A 218 -4.16 24.42 -2.50
C VAL A 218 -2.91 23.53 -2.60
N LEU A 219 -2.31 23.46 -3.79
CA LEU A 219 -1.15 22.60 -3.93
C LEU A 219 0.03 23.11 -3.11
N SER A 220 0.22 24.44 -3.07
CA SER A 220 1.23 25.06 -2.22
C SER A 220 1.04 24.68 -0.76
N ALA A 221 -0.20 24.37 -0.35
CA ALA A 221 -0.42 23.92 1.02
C ALA A 221 -0.10 22.45 1.08
N MET A 222 -0.60 21.69 0.11
CA MET A 222 -0.75 20.26 0.36
C MET A 222 0.54 19.46 0.11
N ILE A 223 1.54 20.12 -0.44
CA ILE A 223 2.78 19.43 -0.77
C ILE A 223 3.64 19.40 0.47
N ASN A 224 3.36 20.29 1.45
CA ASN A 224 3.97 20.15 2.78
C ASN A 224 3.02 19.52 3.81
N SER A 225 3.64 18.81 4.77
CA SER A 225 2.99 18.11 5.88
C SER A 225 2.23 19.06 6.84
N ASN A 226 2.71 20.28 7.06
CA ASN A 226 2.11 21.18 8.02
C ASN A 226 0.60 21.30 7.79
N ASP A 227 -0.15 21.25 8.91
CA ASP A 227 -1.55 21.64 8.92
C ASP A 227 -2.45 20.51 8.41
N ASP A 228 -2.00 19.67 7.45
CA ASP A 228 -2.95 18.92 6.63
C ASP A 228 -2.49 17.51 6.28
N ASN A 229 -1.40 17.05 6.87
CA ASN A 229 -0.75 15.78 6.51
C ASN A 229 -0.40 15.65 5.03
N GLY A 230 0.07 16.77 4.46
CA GLY A 230 0.48 16.79 3.07
C GLY A 230 1.75 15.96 2.84
N VAL A 231 2.36 16.13 1.68
CA VAL A 231 3.18 15.07 1.12
C VAL A 231 4.49 14.97 1.87
N LEU A 232 5.14 16.12 2.07
CA LEU A 232 6.51 16.13 2.54
C LEU A 232 6.66 16.86 3.87
N ALA A 233 7.45 16.26 4.76
CA ALA A 233 7.84 16.88 6.02
C ALA A 233 9.27 17.43 5.93
N GLY A 234 9.35 18.75 6.11
CA GLY A 234 10.63 19.41 6.06
C GLY A 234 11.41 19.17 7.34
N ASN A 235 12.74 19.15 7.15
CA ASN A 235 13.74 19.00 8.20
C ASN A 235 14.98 19.76 7.79
N TRP A 236 15.32 20.79 8.57
CA TRP A 236 16.56 21.53 8.40
C TRP A 236 17.49 21.33 9.59
N SER A 237 17.18 20.38 10.49
CA SER A 237 17.95 20.13 11.70
C SER A 237 19.41 19.77 11.41
N GLY A 238 19.70 19.04 10.33
CA GLY A 238 21.03 18.44 10.16
C GLY A 238 21.03 16.94 10.46
N THR A 239 19.97 16.51 11.15
CA THR A 239 19.81 15.16 11.65
C THR A 239 18.58 14.56 10.98
N TYR A 240 18.79 13.46 10.23
CA TYR A 240 17.78 12.97 9.29
C TYR A 240 17.38 11.56 9.67
N THR A 241 17.34 11.34 10.99
CA THR A 241 16.94 10.09 11.61
C THR A 241 15.45 9.87 11.36
N GLY A 242 15.12 8.61 11.03
CA GLY A 242 13.74 8.16 10.80
C GLY A 242 13.29 8.39 9.37
N GLY A 243 14.20 8.87 8.52
CA GLY A 243 13.90 9.06 7.10
C GLY A 243 15.12 9.29 6.21
N ARG A 244 14.81 9.78 5.00
CA ARG A 244 15.78 10.01 3.94
C ARG A 244 16.35 11.40 4.09
N ASP A 245 17.68 11.48 3.99
CA ASP A 245 18.33 12.76 3.80
C ASP A 245 17.74 13.51 2.58
N PRO A 246 17.29 14.76 2.71
CA PRO A 246 16.76 15.47 1.57
C PRO A 246 17.64 15.40 0.33
N ARG A 247 18.96 15.33 0.54
CA ARG A 247 19.91 15.37 -0.57
C ARG A 247 19.88 14.03 -1.29
N SER A 248 19.06 13.08 -0.86
CA SER A 248 19.17 11.71 -1.38
C SER A 248 18.03 11.39 -2.34
N TRP A 249 16.98 12.23 -2.36
CA TRP A 249 15.91 12.11 -3.35
C TRP A 249 16.42 12.57 -4.72
N ASN A 250 15.95 11.90 -5.79
CA ASN A 250 16.30 12.18 -7.17
C ASN A 250 15.12 12.70 -8.00
N GLY A 251 13.90 12.68 -7.44
CA GLY A 251 12.71 13.08 -8.17
C GLY A 251 11.48 12.93 -7.28
N SER A 252 10.30 13.05 -7.90
CA SER A 252 9.06 13.15 -7.15
C SER A 252 8.33 11.82 -7.01
N VAL A 253 8.72 10.84 -7.81
CA VAL A 253 7.84 9.72 -8.02
C VAL A 253 7.77 8.93 -6.71
N GLU A 254 8.93 8.64 -6.10
CA GLU A 254 8.99 7.80 -4.91
C GLU A 254 8.27 8.54 -3.77
N ILE A 255 8.47 9.85 -3.75
CA ILE A 255 7.86 10.69 -2.75
C ILE A 255 6.34 10.55 -2.82
N LEU A 256 5.76 10.76 -3.99
CA LEU A 256 4.32 10.83 -4.11
C LEU A 256 3.72 9.45 -3.88
N LYS A 257 4.36 8.43 -4.42
CA LYS A 257 3.94 7.06 -4.18
C LYS A 257 4.00 6.73 -2.68
N ASN A 258 5.05 7.17 -2.01
CA ASN A 258 5.23 6.72 -0.65
C ASN A 258 4.12 7.38 0.15
N TRP A 259 3.77 8.60 -0.26
CA TRP A 259 2.73 9.32 0.44
C TRP A 259 1.43 8.57 0.33
N LYS A 260 1.04 8.20 -0.90
CA LYS A 260 -0.23 7.54 -1.14
C LYS A 260 -0.30 6.19 -0.41
N LYS A 261 0.76 5.40 -0.57
CA LYS A 261 0.79 4.03 -0.08
C LYS A 261 0.81 3.94 1.46
N SER A 262 1.30 4.99 2.14
CA SER A 262 1.27 5.03 3.59
C SER A 262 -0.11 5.45 4.12
N GLY A 263 -1.09 5.55 3.22
CA GLY A 263 -2.38 6.17 3.52
C GLY A 263 -2.24 7.67 3.79
N PHE A 264 -1.55 8.38 2.90
CA PHE A 264 -1.57 9.84 2.90
C PHE A 264 -0.94 10.38 4.16
N SER A 265 0.10 9.68 4.57
CA SER A 265 0.93 10.04 5.71
C SER A 265 2.20 10.72 5.18
N PRO A 266 2.66 11.82 5.80
CA PRO A 266 3.89 12.49 5.35
C PRO A 266 5.16 11.68 5.17
N VAL A 267 5.94 12.14 4.20
CA VAL A 267 7.18 11.54 3.80
C VAL A 267 8.33 12.36 4.37
N ARG A 268 9.34 11.65 4.87
CA ARG A 268 10.45 12.18 5.63
C ARG A 268 11.76 11.95 4.86
N TYR A 269 12.59 12.96 4.55
CA TYR A 269 12.36 14.37 4.79
C TYR A 269 12.72 15.18 3.53
N GLY A 270 12.19 16.40 3.49
CA GLY A 270 12.49 17.31 2.40
C GLY A 270 13.11 18.64 2.85
N GLN A 271 13.70 19.33 1.86
CA GLN A 271 14.00 20.75 1.90
C GLN A 271 13.46 21.40 0.64
N CYS A 272 13.67 22.71 0.54
CA CYS A 272 12.99 23.52 -0.44
C CYS A 272 13.01 22.94 -1.85
N TRP A 273 14.17 22.55 -2.36
CA TRP A 273 14.17 22.08 -3.73
C TRP A 273 13.32 20.81 -3.84
N VAL A 274 13.20 20.07 -2.74
CA VAL A 274 12.41 18.84 -2.75
C VAL A 274 10.92 19.19 -2.77
N PHE A 275 10.55 20.29 -2.08
CA PHE A 275 9.20 20.78 -2.19
C PHE A 275 8.96 21.31 -3.61
N ALA A 276 9.86 22.15 -4.11
CA ALA A 276 9.67 22.75 -5.43
C ALA A 276 9.57 21.68 -6.53
N GLY A 277 10.33 20.59 -6.43
CA GLY A 277 10.34 19.60 -7.50
C GLY A 277 9.08 18.74 -7.48
N THR A 278 8.59 18.48 -6.26
CA THR A 278 7.36 17.71 -6.07
C THR A 278 6.17 18.56 -6.51
N LEU A 279 6.14 19.83 -6.11
CA LEU A 279 5.05 20.68 -6.54
C LEU A 279 5.03 20.77 -8.08
N ASN A 280 6.22 20.75 -8.69
CA ASN A 280 6.30 20.91 -10.14
C ASN A 280 5.67 19.70 -10.84
N THR A 281 5.87 18.52 -10.27
CA THR A 281 5.22 17.34 -10.81
C THR A 281 3.71 17.54 -10.79
N ALA A 282 3.22 18.07 -9.68
CA ALA A 282 1.79 18.13 -9.48
C ALA A 282 1.24 19.13 -10.47
N LEU A 283 1.89 20.29 -10.59
CA LEU A 283 1.42 21.35 -11.48
C LEU A 283 1.47 20.86 -12.94
N ARG A 284 2.58 20.22 -13.35
CA ARG A 284 2.64 19.78 -14.75
C ARG A 284 1.67 18.66 -15.04
N SER A 285 1.42 17.78 -14.06
N SER A 285 1.45 17.78 -14.05
CA SER A 285 0.51 16.68 -14.26
CA SER A 285 0.52 16.68 -14.23
C SER A 285 -0.91 17.17 -14.54
C SER A 285 -0.89 17.17 -14.53
N LEU A 286 -1.31 18.28 -13.91
CA LEU A 286 -2.70 18.74 -13.96
C LEU A 286 -2.90 19.72 -15.10
N GLY A 287 -1.82 20.18 -15.73
CA GLY A 287 -1.98 21.10 -16.85
C GLY A 287 -1.59 22.54 -16.50
N ILE A 288 -0.97 22.78 -15.36
CA ILE A 288 -0.51 24.13 -15.15
C ILE A 288 0.96 24.18 -15.52
N PRO A 289 1.30 24.77 -16.68
CA PRO A 289 2.71 24.85 -17.09
C PRO A 289 3.46 25.57 -15.98
N SER A 290 4.61 25.02 -15.61
CA SER A 290 5.35 25.50 -14.44
C SER A 290 6.84 25.23 -14.61
N ARG A 291 7.63 25.91 -13.76
CA ARG A 291 9.07 25.70 -13.74
C ARG A 291 9.62 25.97 -12.35
N VAL A 292 10.92 25.65 -12.17
CA VAL A 292 11.54 25.73 -10.86
C VAL A 292 12.43 26.97 -10.86
N ILE A 293 12.29 27.78 -9.83
CA ILE A 293 13.03 28.99 -9.62
C ILE A 293 13.89 28.82 -8.37
N THR A 294 15.16 29.19 -8.49
CA THR A 294 16.07 29.23 -7.36
C THR A 294 16.53 30.66 -7.17
N ASN A 295 16.62 31.09 -5.91
CA ASN A 295 16.98 32.45 -5.53
C ASN A 295 18.14 32.36 -4.52
N PHE A 296 19.33 32.93 -4.80
CA PHE A 296 20.42 32.92 -3.83
C PHE A 296 20.31 34.18 -2.96
N ASN A 297 20.77 34.02 -1.71
CA ASN A 297 20.60 34.99 -0.64
C ASN A 297 19.12 35.31 -0.53
N SER A 298 18.32 34.28 -0.27
CA SER A 298 16.87 34.46 -0.19
C SER A 298 16.50 34.92 1.22
N ALA A 299 15.84 36.09 1.31
CA ALA A 299 15.32 36.60 2.58
C ALA A 299 14.12 35.79 3.10
N HIS A 300 14.16 35.47 4.41
CA HIS A 300 12.98 35.10 5.19
C HIS A 300 12.62 36.27 6.11
N ASP A 301 11.73 37.17 5.66
CA ASP A 301 11.22 38.28 6.47
C ASP A 301 10.01 37.80 7.24
N THR A 302 9.94 38.16 8.52
CA THR A 302 9.03 37.52 9.45
C THR A 302 8.06 38.53 10.06
N ASP A 303 7.84 39.65 9.36
CA ASP A 303 7.01 40.73 9.84
C ASP A 303 6.69 41.79 8.77
N ARG A 304 6.64 41.41 7.48
CA ARG A 304 5.90 42.19 6.50
C ARG A 304 6.36 43.68 6.44
N ASN A 305 7.67 43.95 6.43
CA ASN A 305 8.14 45.32 6.27
C ASN A 305 9.13 45.47 5.12
N LEU A 306 9.29 44.41 4.32
CA LEU A 306 10.13 44.38 3.13
C LEU A 306 11.59 44.58 3.47
N SER A 307 12.02 44.06 4.61
CA SER A 307 13.39 44.25 5.04
C SER A 307 13.79 43.15 6.02
N VAL A 308 15.06 42.80 6.02
CA VAL A 308 15.58 41.82 6.97
C VAL A 308 16.38 42.58 8.02
N ASP A 309 15.85 42.49 9.23
CA ASP A 309 16.26 43.31 10.36
C ASP A 309 17.09 42.46 11.32
N VAL A 310 18.39 42.75 11.33
CA VAL A 310 19.27 42.30 12.37
C VAL A 310 19.57 43.54 13.19
N TYR A 311 19.15 43.51 14.46
CA TYR A 311 19.04 44.68 15.33
C TYR A 311 20.34 44.88 16.11
N TYR A 312 20.67 46.15 16.46
CA TYR A 312 21.83 46.48 17.29
C TYR A 312 21.45 47.46 18.40
N ASP A 313 21.59 47.02 19.67
CA ASP A 313 21.49 47.87 20.86
C ASP A 313 22.45 49.05 20.64
N PRO A 314 22.11 50.33 20.97
CA PRO A 314 23.00 51.46 20.69
C PRO A 314 24.29 51.24 21.46
N MET A 315 25.32 52.04 21.16
CA MET A 315 26.68 51.80 21.64
C MET A 315 27.31 50.58 20.95
N GLY A 316 26.63 49.97 19.97
CA GLY A 316 27.24 48.98 19.10
C GLY A 316 27.50 47.64 19.79
N ASN A 317 26.42 46.88 20.00
CA ASN A 317 26.51 45.45 20.28
C ASN A 317 25.50 44.74 19.40
N PRO A 318 25.83 43.54 18.87
CA PRO A 318 24.81 42.67 18.28
C PRO A 318 23.72 42.48 19.33
N LEU A 319 22.54 41.98 18.91
CA LEU A 319 21.48 41.56 19.83
C LEU A 319 20.75 40.35 19.25
N ASP A 320 20.02 39.63 20.12
CA ASP A 320 19.34 38.38 19.79
C ASP A 320 17.97 38.69 19.19
N LYS A 321 17.49 39.92 19.43
CA LYS A 321 16.38 40.56 18.72
C LYS A 321 16.51 40.34 17.20
N GLY A 322 15.51 39.64 16.64
CA GLY A 322 15.45 39.29 15.24
C GLY A 322 14.90 37.88 15.05
N SER A 323 13.88 37.76 14.17
CA SER A 323 13.49 36.46 13.58
C SER A 323 13.94 36.38 12.11
N ASP A 324 13.93 37.52 11.41
CA ASP A 324 14.45 37.68 10.06
C ASP A 324 15.73 36.86 9.82
N SER A 325 15.79 36.07 8.72
CA SER A 325 17.02 35.38 8.33
C SER A 325 17.26 35.47 6.81
N VAL A 326 18.37 34.85 6.35
CA VAL A 326 18.68 34.76 4.93
C VAL A 326 19.28 33.37 4.66
N TRP A 327 18.68 32.69 3.66
CA TRP A 327 19.11 31.38 3.21
C TRP A 327 20.20 31.55 2.14
N ASN A 328 21.11 30.58 2.05
CA ASN A 328 22.11 30.56 0.98
C ASN A 328 21.42 30.45 -0.39
N PHE A 329 20.52 29.48 -0.54
CA PHE A 329 19.58 29.48 -1.67
C PHE A 329 18.19 29.13 -1.16
N HIS A 330 17.14 29.54 -1.91
CA HIS A 330 15.78 29.05 -1.77
C HIS A 330 15.18 28.69 -3.13
N VAL A 331 14.26 27.71 -3.17
CA VAL A 331 13.68 27.21 -4.41
C VAL A 331 12.16 27.23 -4.28
N TRP A 332 11.49 27.78 -5.31
CA TRP A 332 10.04 27.78 -5.44
C TRP A 332 9.66 27.56 -6.92
N ASN A 333 8.37 27.67 -7.27
CA ASN A 333 7.83 27.34 -8.58
C ASN A 333 7.09 28.54 -9.11
N GLU A 334 6.99 28.63 -10.44
CA GLU A 334 6.13 29.59 -11.10
C GLU A 334 5.17 28.76 -11.95
N GLY A 335 3.88 29.17 -11.93
CA GLY A 335 2.83 28.57 -12.74
C GLY A 335 2.35 29.63 -13.73
N TRP A 336 1.95 29.19 -14.93
CA TRP A 336 1.55 30.12 -15.98
C TRP A 336 0.01 30.21 -16.05
N PHE A 337 -0.57 31.38 -15.66
CA PHE A 337 -1.99 31.60 -15.90
C PHE A 337 -2.38 33.07 -15.90
N VAL A 338 -3.48 33.39 -16.57
CA VAL A 338 -4.00 34.74 -16.48
C VAL A 338 -4.52 34.98 -15.06
N ARG A 339 -4.64 36.25 -14.66
CA ARG A 339 -5.19 36.61 -13.36
C ARG A 339 -6.44 37.48 -13.53
N SER A 340 -7.60 36.84 -13.64
CA SER A 340 -8.87 37.52 -13.85
C SER A 340 -9.23 38.41 -12.66
N ASP A 341 -8.80 38.02 -11.46
CA ASP A 341 -8.94 38.80 -10.24
C ASP A 341 -8.07 40.07 -10.20
N LEU A 342 -7.10 40.22 -11.12
CA LEU A 342 -6.12 41.28 -10.95
C LEU A 342 -6.12 42.26 -12.10
N GLY A 343 -6.23 41.75 -13.34
CA GLY A 343 -6.08 42.59 -14.52
C GLY A 343 -5.25 41.89 -15.58
N PRO A 344 -5.50 42.18 -16.88
CA PRO A 344 -4.82 41.47 -17.96
C PRO A 344 -3.31 41.68 -17.87
N SER A 345 -2.89 42.79 -17.24
CA SER A 345 -1.49 43.17 -17.24
C SER A 345 -0.70 42.34 -16.20
N TYR A 346 -1.39 41.50 -15.41
CA TYR A 346 -0.75 40.73 -14.36
C TYR A 346 -0.71 39.22 -14.66
N GLY A 347 -1.08 38.80 -15.86
CA GLY A 347 -1.04 37.38 -16.21
C GLY A 347 0.39 36.85 -16.33
N GLY A 348 0.53 35.68 -16.94
CA GLY A 348 1.85 35.07 -17.02
C GLY A 348 2.27 34.40 -15.71
N TRP A 349 3.56 34.52 -15.33
CA TRP A 349 4.15 33.68 -14.30
C TRP A 349 3.67 34.14 -12.93
N GLN A 350 3.31 33.12 -12.13
CA GLN A 350 2.81 33.32 -10.79
C GLN A 350 3.59 32.40 -9.84
N VAL A 351 4.18 33.03 -8.84
CA VAL A 351 4.90 32.32 -7.81
C VAL A 351 3.97 31.49 -6.91
N LEU A 352 4.42 30.24 -6.72
CA LEU A 352 3.86 29.25 -5.80
C LEU A 352 5.00 28.54 -5.06
N ASP A 353 4.86 28.49 -3.72
CA ASP A 353 5.89 28.04 -2.83
C ASP A 353 5.23 27.09 -1.83
N ALA A 354 5.71 25.84 -1.83
CA ALA A 354 5.19 24.83 -0.94
C ALA A 354 6.09 24.62 0.28
N THR A 355 7.23 25.31 0.35
CA THR A 355 8.09 25.27 1.52
C THR A 355 7.43 26.05 2.69
N PRO A 356 7.27 25.42 3.88
CA PRO A 356 6.65 26.09 5.03
C PRO A 356 7.60 27.15 5.60
N GLN A 357 7.45 28.40 5.16
CA GLN A 357 8.20 29.49 5.76
C GLN A 357 7.25 30.37 6.59
N GLU A 358 6.27 31.02 5.96
CA GLU A 358 5.33 31.84 6.72
C GLU A 358 3.90 31.39 6.46
N ARG A 359 3.06 31.67 7.44
CA ARG A 359 1.68 31.27 7.37
C ARG A 359 0.97 32.35 6.57
N SER A 360 -0.18 31.99 6.03
CA SER A 360 -0.94 32.85 5.17
C SER A 360 -2.39 32.51 5.37
N GLN A 361 -3.14 33.39 6.04
CA GLN A 361 -4.47 33.03 6.48
C GLN A 361 -4.40 31.78 7.36
N GLY A 362 -3.33 31.71 8.17
CA GLY A 362 -3.17 30.73 9.22
C GLY A 362 -2.64 29.36 8.77
N VAL A 363 -2.27 29.24 7.48
CA VAL A 363 -1.88 27.96 6.91
C VAL A 363 -0.52 28.13 6.25
N PHE A 364 0.31 27.08 6.25
CA PHE A 364 1.54 27.10 5.48
C PHE A 364 1.21 26.98 4.00
N GLN A 365 0.98 28.12 3.35
CA GLN A 365 0.68 28.19 1.93
C GLN A 365 1.31 29.45 1.39
N CYS A 366 1.46 29.56 0.07
CA CYS A 366 2.12 30.73 -0.49
C CYS A 366 1.83 30.81 -1.97
N GLY A 367 1.15 31.92 -2.35
CA GLY A 367 0.90 32.26 -3.75
C GLY A 367 -0.55 31.97 -4.15
N PRO A 368 -0.96 32.27 -5.40
CA PRO A 368 -0.08 32.87 -6.41
C PRO A 368 0.19 34.38 -6.35
N ALA A 369 1.41 34.74 -6.81
CA ALA A 369 1.90 36.12 -6.82
C ALA A 369 2.46 36.47 -8.20
N SER A 370 1.82 37.46 -8.83
CA SER A 370 2.17 37.95 -10.14
C SER A 370 3.63 38.34 -10.11
N VAL A 371 4.50 37.65 -10.85
CA VAL A 371 5.91 38.00 -10.85
C VAL A 371 6.00 39.45 -11.33
N ILE A 372 5.28 39.78 -12.40
CA ILE A 372 5.20 41.11 -12.98
C ILE A 372 4.83 42.06 -11.85
N GLY A 373 3.95 41.61 -10.96
CA GLY A 373 3.45 42.46 -9.90
C GLY A 373 4.53 42.76 -8.90
N VAL A 374 5.34 41.76 -8.62
CA VAL A 374 6.33 41.87 -7.57
C VAL A 374 7.37 42.86 -8.06
N ARG A 375 7.66 42.75 -9.35
CA ARG A 375 8.67 43.60 -9.95
C ARG A 375 8.20 45.05 -9.90
N GLU A 376 6.90 45.30 -10.15
CA GLU A 376 6.40 46.67 -10.19
C GLU A 376 6.09 47.17 -8.78
N GLY A 377 6.39 46.36 -7.76
CA GLY A 377 6.19 46.74 -6.38
C GLY A 377 4.73 46.83 -6.00
N ASP A 378 3.85 46.18 -6.78
CA ASP A 378 2.42 46.27 -6.57
C ASP A 378 1.96 45.33 -5.44
N VAL A 379 2.50 45.49 -4.22
CA VAL A 379 2.50 44.38 -3.27
C VAL A 379 1.23 44.33 -2.42
N GLN A 380 0.23 45.18 -2.72
CA GLN A 380 -1.03 45.13 -1.99
C GLN A 380 -1.84 43.93 -2.47
N LEU A 381 -1.43 43.34 -3.60
CA LEU A 381 -2.24 42.35 -4.29
C LEU A 381 -2.08 40.96 -3.67
N ASN A 382 -3.10 40.16 -3.95
CA ASN A 382 -3.14 38.77 -3.57
C ASN A 382 -2.18 37.99 -4.47
N PHE A 383 -1.42 37.00 -3.97
CA PHE A 383 -1.33 36.58 -2.58
C PHE A 383 0.14 36.66 -2.14
N ASP A 384 0.35 37.05 -0.87
CA ASP A 384 1.62 36.90 -0.17
C ASP A 384 2.69 37.74 -0.84
N MET A 385 2.31 38.84 -1.50
CA MET A 385 3.28 39.58 -2.28
C MET A 385 4.34 40.27 -1.42
N PRO A 386 4.02 40.71 -0.19
CA PRO A 386 5.06 41.13 0.76
C PRO A 386 6.14 40.10 1.12
N PHE A 387 5.73 38.86 1.37
CA PHE A 387 6.73 37.87 1.71
C PHE A 387 7.71 37.66 0.55
N ILE A 388 7.14 37.51 -0.64
CA ILE A 388 7.90 37.12 -1.79
C ILE A 388 8.67 38.32 -2.30
N PHE A 389 8.16 39.54 -2.07
CA PHE A 389 8.95 40.72 -2.39
C PHE A 389 10.20 40.65 -1.52
N ALA A 390 10.02 40.48 -0.23
CA ALA A 390 11.17 40.41 0.64
C ALA A 390 12.17 39.36 0.15
N GLU A 391 11.66 38.22 -0.35
CA GLU A 391 12.52 37.10 -0.67
C GLU A 391 13.57 37.57 -1.68
N VAL A 392 13.11 38.25 -2.74
CA VAL A 392 13.99 38.56 -3.85
C VAL A 392 14.58 39.96 -3.76
N ASN A 393 13.98 40.87 -3.00
CA ASN A 393 14.39 42.27 -3.04
C ASN A 393 14.15 43.01 -1.73
N ALA A 394 14.28 42.32 -0.59
CA ALA A 394 14.44 43.00 0.68
C ALA A 394 15.68 43.90 0.63
N ASP A 395 15.64 44.98 1.44
CA ASP A 395 16.84 45.63 1.97
C ASP A 395 17.22 44.92 3.27
N ARG A 396 18.47 45.11 3.70
CA ARG A 396 18.97 44.57 4.94
C ARG A 396 19.36 45.71 5.87
N ILE A 397 18.63 45.86 7.00
CA ILE A 397 18.77 47.00 7.90
C ILE A 397 19.49 46.50 9.16
N THR A 398 20.11 47.44 9.91
CA THR A 398 20.99 47.14 11.04
C THR A 398 20.47 47.78 12.36
N TRP A 399 19.94 49.01 12.30
CA TRP A 399 19.17 49.68 13.36
C TRP A 399 20.01 50.16 14.55
N LEU A 400 19.36 50.92 15.45
CA LEU A 400 19.80 51.12 16.82
C LEU A 400 18.60 51.03 17.75
N TYR A 401 18.43 49.89 18.44
CA TYR A 401 17.31 49.74 19.35
C TYR A 401 17.72 50.04 20.79
N ASP A 402 17.52 51.31 21.19
CA ASP A 402 17.69 51.74 22.58
C ASP A 402 16.81 50.88 23.51
N ASN A 403 17.48 50.22 24.48
CA ASN A 403 16.88 49.41 25.51
C ASN A 403 15.88 50.20 26.38
N THR A 404 15.91 51.55 26.33
CA THR A 404 15.34 52.40 27.38
C THR A 404 14.23 53.34 26.92
N THR A 405 14.40 54.17 25.84
CA THR A 405 13.35 55.09 25.39
C THR A 405 12.40 54.45 24.38
N GLY A 406 12.82 53.35 23.75
CA GLY A 406 12.00 52.65 22.77
C GLY A 406 12.22 53.13 21.33
N LYS A 407 13.02 54.20 21.15
CA LYS A 407 13.43 54.74 19.85
C LYS A 407 14.20 53.70 19.02
N GLN A 408 14.08 53.80 17.68
CA GLN A 408 14.65 52.84 16.73
C GLN A 408 15.14 53.58 15.48
N TRP A 409 16.45 53.94 15.42
CA TRP A 409 17.04 54.62 14.27
C TRP A 409 18.06 53.74 13.54
N LYS A 410 18.13 53.90 12.21
CA LYS A 410 18.83 52.99 11.31
C LYS A 410 20.33 53.29 11.27
N ASN A 411 21.16 52.25 11.43
CA ASN A 411 22.62 52.36 11.31
C ASN A 411 23.01 52.40 9.83
N SER A 412 22.71 51.32 9.10
CA SER A 412 23.06 51.19 7.68
C SER A 412 22.00 50.34 6.94
N VAL A 413 21.84 50.68 5.66
CA VAL A 413 20.86 50.05 4.80
C VAL A 413 21.66 49.42 3.67
N ASN A 414 21.47 48.10 3.43
CA ASN A 414 22.10 47.40 2.33
C ASN A 414 21.01 46.97 1.34
N SER A 415 20.98 47.65 0.20
CA SER A 415 19.87 47.60 -0.72
C SER A 415 20.12 46.64 -1.89
N HIS A 416 21.18 45.83 -1.85
CA HIS A 416 21.44 44.97 -3.00
C HIS A 416 21.91 43.58 -2.60
N THR A 417 22.19 43.31 -1.32
CA THR A 417 22.67 41.97 -1.02
C THR A 417 21.59 40.89 -1.22
N ILE A 418 20.28 41.23 -1.22
CA ILE A 418 19.23 40.20 -1.30
C ILE A 418 18.79 39.90 -2.73
N GLY A 419 18.67 38.59 -3.02
CA GLY A 419 18.07 38.09 -4.25
C GLY A 419 19.05 38.16 -5.42
N ARG A 420 19.83 37.10 -5.63
CA ARG A 420 20.91 37.14 -6.60
C ARG A 420 20.77 35.94 -7.51
N TYR A 421 21.37 36.05 -8.71
CA TYR A 421 21.48 34.97 -9.67
C TYR A 421 20.18 34.18 -9.77
N ILE A 422 19.03 34.84 -9.85
CA ILE A 422 17.78 34.09 -9.85
C ILE A 422 17.65 33.31 -11.18
N SER A 423 17.34 32.01 -11.07
CA SER A 423 17.70 31.01 -12.06
C SER A 423 16.56 30.01 -12.30
N THR A 424 16.44 29.53 -13.55
CA THR A 424 15.53 28.46 -13.86
C THR A 424 16.10 27.76 -15.09
N LYS A 425 15.68 26.50 -15.32
CA LYS A 425 16.19 25.71 -16.43
C LYS A 425 15.79 26.33 -17.78
N ALA A 426 16.72 26.27 -18.77
CA ALA A 426 16.43 26.72 -20.11
C ALA A 426 15.35 25.84 -20.76
N VAL A 427 14.60 26.47 -21.67
CA VAL A 427 13.75 25.78 -22.61
C VAL A 427 14.64 24.95 -23.55
N GLY A 428 14.44 23.64 -23.54
CA GLY A 428 15.11 22.81 -24.50
C GLY A 428 16.49 22.33 -24.05
N SER A 429 17.21 23.05 -23.18
CA SER A 429 18.52 22.60 -22.72
C SER A 429 18.60 22.63 -21.19
N ASN A 430 19.79 22.39 -20.65
CA ASN A 430 20.04 22.45 -19.22
C ASN A 430 20.80 23.71 -18.86
N ALA A 431 20.78 24.67 -19.76
CA ALA A 431 21.41 25.94 -19.46
C ALA A 431 20.56 26.66 -18.42
N ARG A 432 21.22 27.62 -17.75
CA ARG A 432 20.65 28.43 -16.71
C ARG A 432 20.15 29.73 -17.33
N MET A 433 18.86 29.99 -17.20
CA MET A 433 18.33 31.31 -17.50
C MET A 433 18.42 32.17 -16.23
N ASP A 434 18.93 33.40 -16.37
CA ASP A 434 18.80 34.37 -15.31
C ASP A 434 17.46 35.07 -15.53
N VAL A 435 16.67 35.15 -14.45
CA VAL A 435 15.39 35.81 -14.43
C VAL A 435 15.32 36.79 -13.26
N THR A 436 16.49 37.33 -12.86
CA THR A 436 16.53 38.34 -11.81
C THR A 436 15.70 39.54 -12.30
N ASP A 437 16.00 39.99 -13.53
CA ASP A 437 15.45 41.20 -14.13
C ASP A 437 13.94 41.11 -14.30
N LYS A 438 13.39 39.88 -14.23
CA LYS A 438 11.95 39.64 -14.27
C LYS A 438 11.32 39.84 -12.91
N TYR A 439 12.09 39.73 -11.82
CA TYR A 439 11.60 39.85 -10.45
C TYR A 439 11.79 41.25 -9.89
N LYS A 440 12.75 42.02 -10.43
CA LYS A 440 13.02 43.37 -9.94
C LYS A 440 13.80 44.22 -10.94
N TYR A 441 13.74 45.53 -10.72
CA TYR A 441 14.50 46.48 -11.52
C TYR A 441 15.98 46.37 -11.11
N PRO A 442 16.92 46.80 -12.00
CA PRO A 442 18.35 46.62 -11.78
C PRO A 442 18.86 47.19 -10.45
N GLU A 443 19.58 46.39 -9.67
CA GLU A 443 20.16 46.87 -8.44
C GLU A 443 21.01 48.10 -8.71
N GLY A 444 20.90 49.12 -7.83
CA GLY A 444 21.74 50.30 -7.90
C GLY A 444 21.29 51.32 -8.95
N SER A 445 20.02 51.25 -9.35
CA SER A 445 19.43 52.22 -10.28
C SER A 445 18.31 52.95 -9.56
N ASP A 446 17.70 53.93 -10.24
CA ASP A 446 16.65 54.78 -9.64
C ASP A 446 15.33 54.03 -9.48
N GLN A 447 14.82 53.47 -10.60
CA GLN A 447 13.49 52.88 -10.64
C GLN A 447 13.40 51.81 -9.54
N GLU A 448 14.55 51.14 -9.29
CA GLU A 448 14.66 50.07 -8.32
C GLU A 448 14.36 50.58 -6.92
N ARG A 449 14.68 51.85 -6.67
CA ARG A 449 14.55 52.42 -5.34
C ARG A 449 13.14 52.99 -5.19
N GLN A 450 12.66 53.61 -6.27
CA GLN A 450 11.35 54.24 -6.28
C GLN A 450 10.22 53.21 -6.31
N VAL A 451 10.58 51.95 -6.62
CA VAL A 451 9.65 50.83 -6.59
C VAL A 451 9.77 50.13 -5.26
N PHE A 452 10.98 50.07 -4.71
CA PHE A 452 11.08 49.67 -3.32
C PHE A 452 10.19 50.59 -2.50
N GLN A 453 10.18 51.89 -2.83
CA GLN A 453 9.48 52.85 -2.01
C GLN A 453 7.98 52.69 -2.23
N LYS A 454 7.56 52.67 -3.50
CA LYS A 454 6.18 52.35 -3.89
C LYS A 454 5.64 51.15 -3.09
N ALA A 455 6.47 50.10 -3.00
CA ALA A 455 6.11 48.83 -2.40
C ALA A 455 5.97 48.95 -0.89
N LEU A 456 6.77 49.85 -0.30
CA LEU A 456 6.86 49.98 1.14
C LEU A 456 5.64 50.76 1.63
N GLY A 457 5.10 51.58 0.72
CA GLY A 457 3.87 52.33 0.94
C GLY A 457 2.62 51.56 0.55
N LYS A 458 2.78 50.30 0.11
CA LYS A 458 1.62 49.48 -0.22
C LYS A 458 1.43 48.38 0.80
N LEU A 459 2.19 48.40 1.88
CA LEU A 459 1.97 47.40 2.90
C LEU A 459 0.78 47.78 3.77
N LYS A 460 0.47 49.09 3.86
CA LYS A 460 -0.45 49.65 4.86
C LYS A 460 -1.87 49.05 4.72
N GLU B 1 25.93 -6.75 6.64
CA GLU B 1 24.68 -7.56 6.61
C GLU B 1 23.87 -7.26 7.87
N VAL B 2 22.55 -7.23 7.69
CA VAL B 2 21.64 -7.12 8.80
C VAL B 2 21.57 -8.43 9.58
N GLN B 3 21.66 -8.33 10.89
CA GLN B 3 21.35 -9.47 11.72
C GLN B 3 20.34 -9.07 12.78
N LEU B 4 19.35 -9.96 12.99
CA LEU B 4 18.40 -9.84 14.07
C LEU B 4 18.42 -11.13 14.86
N VAL B 5 18.61 -11.04 16.17
CA VAL B 5 18.74 -12.24 16.99
C VAL B 5 17.70 -12.16 18.09
N GLU B 6 16.71 -13.07 18.09
CA GLU B 6 15.67 -13.10 19.10
C GLU B 6 16.12 -14.00 20.25
N SER B 7 15.64 -13.72 21.45
CA SER B 7 15.88 -14.57 22.60
C SER B 7 14.73 -14.39 23.60
N GLY B 8 14.66 -15.28 24.60
CA GLY B 8 13.74 -15.15 25.71
C GLY B 8 12.62 -16.18 25.63
N GLY B 9 12.59 -16.92 24.51
CA GLY B 9 11.58 -17.95 24.30
C GLY B 9 11.73 -19.10 25.30
N GLY B 10 10.63 -19.86 25.53
CA GLY B 10 10.68 -21.04 26.37
C GLY B 10 9.30 -21.63 26.61
N LEU B 11 9.24 -22.64 27.49
CA LEU B 11 7.97 -23.23 27.91
C LEU B 11 7.39 -22.39 29.04
N VAL B 12 6.14 -22.01 28.95
CA VAL B 12 5.65 -21.13 30.00
C VAL B 12 4.18 -21.45 30.24
N GLN B 13 3.72 -21.17 31.47
CA GLN B 13 2.41 -21.65 31.88
C GLN B 13 1.34 -20.60 31.56
N PRO B 14 0.10 -21.02 31.25
CA PRO B 14 -1.00 -20.07 31.07
C PRO B 14 -1.02 -19.07 32.23
N GLY B 15 -1.23 -17.79 31.91
CA GLY B 15 -1.41 -16.73 32.88
C GLY B 15 -0.10 -16.04 33.25
N ARG B 16 1.04 -16.69 33.00
CA ARG B 16 2.35 -16.10 33.32
C ARG B 16 2.75 -15.11 32.22
N SER B 17 3.96 -14.54 32.41
CA SER B 17 4.57 -13.55 31.52
C SER B 17 5.88 -14.09 30.94
N LEU B 18 6.27 -13.48 29.82
CA LEU B 18 7.53 -13.79 29.18
C LEU B 18 7.96 -12.55 28.40
N ARG B 19 9.27 -12.28 28.40
CA ARG B 19 9.82 -11.12 27.72
C ARG B 19 10.75 -11.57 26.59
N LEU B 20 10.43 -11.19 25.36
CA LEU B 20 11.28 -11.50 24.24
C LEU B 20 12.16 -10.29 23.96
N SER B 21 13.39 -10.55 23.52
CA SER B 21 14.37 -9.54 23.14
C SER B 21 14.85 -9.81 21.72
N CYS B 22 15.21 -8.73 21.02
CA CYS B 22 15.75 -8.88 19.69
C CYS B 22 16.89 -7.87 19.55
N THR B 23 18.08 -8.35 19.27
CA THR B 23 19.19 -7.43 19.13
C THR B 23 19.43 -7.28 17.65
N ALA B 24 19.67 -6.02 17.25
CA ALA B 24 19.74 -5.68 15.84
C ALA B 24 21.14 -5.15 15.54
N SER B 25 21.68 -5.56 14.39
CA SER B 25 22.96 -5.02 13.98
C SER B 25 23.03 -4.92 12.45
N GLY B 26 23.94 -4.06 11.98
CA GLY B 26 24.31 -3.97 10.59
C GLY B 26 23.41 -3.00 9.83
N PHE B 27 22.69 -2.13 10.55
CA PHE B 27 21.95 -1.03 9.95
C PHE B 27 21.70 0.02 11.03
N THR B 28 21.22 1.21 10.64
CA THR B 28 20.87 2.24 11.61
C THR B 28 19.48 1.95 12.20
N PHE B 29 19.49 1.41 13.41
CA PHE B 29 18.31 0.88 14.08
C PHE B 29 17.17 1.90 14.14
N ASP B 30 17.50 3.14 14.53
CA ASP B 30 16.49 4.12 14.82
C ASP B 30 15.88 4.70 13.55
N ASP B 31 16.35 4.25 12.37
CA ASP B 31 15.76 4.77 11.14
C ASP B 31 14.47 4.02 10.79
N TYR B 32 14.22 2.82 11.38
CA TYR B 32 13.18 1.92 10.89
C TYR B 32 12.15 1.50 11.94
N ALA B 33 10.91 1.30 11.45
CA ALA B 33 9.96 0.58 12.25
C ALA B 33 10.46 -0.84 12.46
N MET B 34 10.02 -1.49 13.54
CA MET B 34 10.31 -2.88 13.77
C MET B 34 9.02 -3.65 14.06
N HIS B 35 9.02 -4.96 13.80
CA HIS B 35 7.83 -5.79 13.98
C HIS B 35 8.14 -7.08 14.73
N TRP B 36 7.12 -7.63 15.42
CA TRP B 36 7.05 -9.03 15.82
C TRP B 36 5.98 -9.73 14.98
N VAL B 37 6.32 -10.90 14.44
CA VAL B 37 5.43 -11.75 13.66
C VAL B 37 5.58 -13.16 14.25
N ARG B 38 4.50 -13.92 14.35
CA ARG B 38 4.58 -15.25 14.91
C ARG B 38 4.00 -16.28 13.96
N GLN B 39 4.35 -17.54 14.23
CA GLN B 39 4.00 -18.66 13.36
C GLN B 39 3.84 -19.91 14.21
N ALA B 40 2.60 -20.39 14.31
CA ALA B 40 2.29 -21.62 15.02
C ALA B 40 2.79 -22.80 14.18
N PRO B 41 3.20 -23.92 14.80
CA PRO B 41 3.78 -25.01 14.02
C PRO B 41 2.86 -25.46 12.88
N GLY B 42 3.47 -25.58 11.69
CA GLY B 42 2.79 -25.90 10.44
C GLY B 42 1.71 -24.91 9.98
N LYS B 43 1.63 -23.71 10.56
CA LYS B 43 0.66 -22.71 10.11
C LYS B 43 1.34 -21.53 9.41
N GLY B 44 0.54 -20.47 9.22
CA GLY B 44 0.96 -19.28 8.51
C GLY B 44 1.53 -18.20 9.43
N LEU B 45 1.97 -17.13 8.81
CA LEU B 45 2.50 -15.98 9.52
C LEU B 45 1.32 -15.15 10.02
N GLU B 46 1.41 -14.73 11.27
CA GLU B 46 0.46 -13.84 11.92
C GLU B 46 1.22 -12.64 12.47
N TRP B 47 0.99 -11.47 11.93
CA TRP B 47 1.63 -10.29 12.48
C TRP B 47 1.12 -10.02 13.88
N VAL B 48 2.04 -9.57 14.75
CA VAL B 48 1.72 -9.40 16.16
C VAL B 48 1.71 -7.92 16.52
N SER B 49 2.79 -7.22 16.18
CA SER B 49 2.98 -5.84 16.66
C SER B 49 4.05 -5.09 15.85
N ARG B 50 3.86 -3.76 15.80
CA ARG B 50 4.76 -2.84 15.13
C ARG B 50 5.02 -1.67 16.06
N ILE B 51 6.26 -1.18 16.02
CA ILE B 51 6.65 0.06 16.67
C ILE B 51 7.40 0.92 15.65
N SER B 52 7.04 2.20 15.59
CA SER B 52 7.65 3.14 14.69
C SER B 52 9.08 3.46 15.12
N TRP B 53 9.83 4.08 14.19
CA TRP B 53 11.23 4.44 14.35
C TRP B 53 11.43 5.18 15.66
N ASN B 54 10.52 6.11 16.00
CA ASN B 54 10.72 6.96 17.17
C ASN B 54 9.85 6.51 18.35
N SER B 55 9.27 5.30 18.27
CA SER B 55 8.37 4.77 19.29
C SER B 55 7.09 5.58 19.47
N ARG B 56 6.79 6.58 18.61
CA ARG B 56 5.60 7.38 18.81
C ARG B 56 4.35 6.69 18.27
N SER B 57 4.47 5.73 17.36
CA SER B 57 3.30 5.05 16.79
C SER B 57 3.46 3.54 16.95
N ILE B 58 2.49 2.89 17.65
CA ILE B 58 2.53 1.48 17.96
C ILE B 58 1.21 0.83 17.52
N ALA B 59 1.27 -0.43 17.04
CA ALA B 59 0.04 -1.14 16.75
C ALA B 59 0.17 -2.60 17.15
N TYR B 60 -1.00 -3.23 17.35
CA TYR B 60 -1.08 -4.58 17.82
C TYR B 60 -2.17 -5.32 17.04
N ALA B 61 -1.98 -6.62 16.78
CA ALA B 61 -3.07 -7.49 16.38
C ALA B 61 -4.15 -7.51 17.46
N ASP B 62 -5.41 -7.59 17.06
CA ASP B 62 -6.51 -7.61 18.01
C ASP B 62 -6.34 -8.77 18.99
N SER B 63 -5.76 -9.90 18.56
CA SER B 63 -5.70 -11.11 19.34
C SER B 63 -4.74 -10.99 20.54
N VAL B 64 -3.96 -9.89 20.60
CA VAL B 64 -2.94 -9.73 21.62
C VAL B 64 -3.06 -8.35 22.29
N LYS B 65 -3.94 -7.49 21.79
CA LYS B 65 -4.08 -6.15 22.33
C LYS B 65 -4.49 -6.20 23.82
N GLY B 66 -3.88 -5.35 24.63
CA GLY B 66 -4.05 -5.32 26.08
C GLY B 66 -3.20 -6.33 26.88
N ARG B 67 -2.66 -7.36 26.22
CA ARG B 67 -1.82 -8.36 26.86
C ARG B 67 -0.35 -8.15 26.53
N PHE B 68 -0.02 -7.78 25.26
CA PHE B 68 1.37 -7.66 24.84
C PHE B 68 1.77 -6.20 24.72
N THR B 69 3.03 -5.89 25.07
CA THR B 69 3.55 -4.55 24.93
C THR B 69 4.88 -4.61 24.15
N ILE B 70 4.98 -3.80 23.09
CA ILE B 70 6.21 -3.69 22.32
C ILE B 70 6.96 -2.47 22.80
N SER B 71 8.28 -2.54 22.71
CA SER B 71 9.13 -1.42 23.07
C SER B 71 10.48 -1.57 22.39
N ARG B 72 11.30 -0.52 22.43
CA ARG B 72 12.63 -0.60 21.89
C ARG B 72 13.56 0.30 22.68
N ASP B 73 14.85 0.10 22.49
CA ASP B 73 15.87 0.85 23.23
C ASP B 73 17.01 1.14 22.27
N SER B 74 17.19 2.44 22.03
CA SER B 74 18.10 2.93 21.02
C SER B 74 19.55 2.61 21.37
N ALA B 75 19.98 2.88 22.61
CA ALA B 75 21.38 2.68 22.99
C ALA B 75 21.76 1.20 22.93
N LYS B 76 20.81 0.30 23.15
CA LYS B 76 21.08 -1.14 23.09
C LYS B 76 20.74 -1.77 21.74
N ASN B 77 20.28 -0.98 20.77
CA ASN B 77 19.87 -1.47 19.46
C ASN B 77 18.95 -2.69 19.61
N SER B 78 17.94 -2.60 20.50
CA SER B 78 17.13 -3.78 20.81
C SER B 78 15.64 -3.50 20.74
N LEU B 79 14.92 -4.54 20.38
CA LEU B 79 13.47 -4.53 20.38
C LEU B 79 13.01 -5.51 21.45
N TYR B 80 11.84 -5.28 22.05
CA TYR B 80 11.33 -6.17 23.08
C TYR B 80 9.83 -6.40 22.90
N LEU B 81 9.38 -7.56 23.40
CA LEU B 81 7.96 -7.88 23.46
C LEU B 81 7.67 -8.47 24.83
N GLN B 82 6.98 -7.70 25.67
CA GLN B 82 6.49 -8.14 26.96
C GLN B 82 5.17 -8.87 26.75
N MET B 83 5.11 -10.15 27.06
CA MET B 83 3.92 -10.95 26.86
C MET B 83 3.33 -11.36 28.20
N ASN B 84 2.19 -10.79 28.52
CA ASN B 84 1.51 -11.08 29.77
C ASN B 84 0.24 -11.85 29.52
N SER B 85 -0.28 -12.55 30.55
CA SER B 85 -1.53 -13.30 30.46
C SER B 85 -1.53 -14.28 29.29
N LEU B 86 -0.45 -15.05 29.13
CA LEU B 86 -0.34 -15.95 27.99
C LEU B 86 -1.43 -17.01 28.00
N ARG B 87 -1.67 -17.57 26.79
CA ARG B 87 -2.70 -18.55 26.54
C ARG B 87 -2.14 -19.64 25.64
N THR B 88 -2.78 -20.81 25.66
CA THR B 88 -2.23 -21.97 24.95
C THR B 88 -2.08 -21.57 23.46
N GLU B 89 -3.02 -20.75 22.98
CA GLU B 89 -3.03 -20.30 21.59
C GLU B 89 -1.94 -19.29 21.26
N ASP B 90 -1.19 -18.78 22.24
CA ASP B 90 -0.03 -17.96 21.95
C ASP B 90 1.19 -18.81 21.58
N THR B 91 1.09 -20.14 21.68
CA THR B 91 2.18 -21.03 21.28
C THR B 91 2.54 -20.72 19.83
N ALA B 92 3.83 -20.42 19.57
CA ALA B 92 4.32 -20.14 18.23
C ALA B 92 5.83 -19.88 18.24
N LEU B 93 6.43 -19.86 17.06
CA LEU B 93 7.74 -19.26 16.83
C LEU B 93 7.55 -17.76 16.63
N TYR B 94 8.26 -16.96 17.43
CA TYR B 94 8.21 -15.51 17.39
C TYR B 94 9.41 -14.95 16.63
N TYR B 95 9.12 -14.27 15.50
CA TYR B 95 10.13 -13.66 14.68
C TYR B 95 10.20 -12.15 14.90
N CYS B 96 11.41 -11.62 14.95
CA CYS B 96 11.74 -10.21 14.90
C CYS B 96 11.94 -9.84 13.41
N ALA B 97 11.41 -8.69 12.98
CA ALA B 97 11.65 -8.24 11.62
C ALA B 97 11.86 -6.73 11.53
N LYS B 98 12.82 -6.36 10.68
CA LYS B 98 13.13 -4.99 10.31
C LYS B 98 12.18 -4.53 9.20
N ASP B 99 11.64 -3.31 9.29
CA ASP B 99 10.82 -2.80 8.20
C ASP B 99 11.70 -2.39 7.02
N HIS B 100 11.18 -2.61 5.81
CA HIS B 100 11.79 -2.20 4.56
C HIS B 100 11.80 -0.68 4.38
N TYR B 101 10.76 0.00 4.85
CA TYR B 101 10.48 1.38 4.48
C TYR B 101 11.27 2.38 5.34
N LEU B 102 11.93 3.32 4.66
CA LEU B 102 12.67 4.41 5.27
C LEU B 102 11.96 5.70 4.90
N GLY B 103 11.45 6.41 5.93
CA GLY B 103 10.88 7.74 5.79
C GLY B 103 9.39 7.78 5.46
N SER B 104 8.73 6.62 5.34
CA SER B 104 7.30 6.60 5.11
C SER B 104 6.66 5.51 5.96
N ASP B 105 5.36 5.67 6.23
CA ASP B 105 4.63 4.82 7.16
C ASP B 105 3.94 3.69 6.41
N SER B 106 4.71 3.01 5.53
CA SER B 106 4.30 1.77 4.91
C SER B 106 5.04 0.62 5.62
N TYR B 107 4.54 -0.61 5.51
CA TYR B 107 5.10 -1.69 6.29
C TYR B 107 5.41 -2.90 5.42
N GLY B 108 6.66 -3.34 5.49
CA GLY B 108 7.05 -4.62 4.94
C GLY B 108 8.29 -5.11 5.67
N MET B 109 8.58 -6.41 5.61
CA MET B 109 9.59 -7.01 6.48
C MET B 109 10.80 -7.40 5.62
N ASP B 110 11.83 -6.54 5.56
CA ASP B 110 12.93 -6.78 4.63
C ASP B 110 13.90 -7.83 5.17
N VAL B 111 14.08 -7.88 6.50
CA VAL B 111 14.92 -8.90 7.13
C VAL B 111 14.18 -9.52 8.30
N TRP B 112 14.32 -10.84 8.44
CA TRP B 112 13.73 -11.57 9.55
C TRP B 112 14.80 -12.33 10.33
N GLY B 113 14.65 -12.40 11.66
CA GLY B 113 15.44 -13.30 12.49
C GLY B 113 15.03 -14.76 12.31
N GLN B 114 15.73 -15.68 12.97
CA GLN B 114 15.42 -17.11 12.94
C GLN B 114 14.29 -17.45 13.90
N GLY B 115 14.10 -16.58 14.89
CA GLY B 115 12.93 -16.62 15.76
C GLY B 115 13.22 -17.28 17.10
N THR B 116 12.32 -17.11 18.04
CA THR B 116 12.48 -17.72 19.35
C THR B 116 11.19 -18.46 19.66
N THR B 117 11.30 -19.70 20.15
CA THR B 117 10.14 -20.56 20.34
C THR B 117 9.45 -20.30 21.70
N VAL B 118 8.13 -20.12 21.65
CA VAL B 118 7.29 -19.99 22.83
C VAL B 118 6.26 -21.13 22.84
N THR B 119 6.28 -21.97 23.88
CA THR B 119 5.28 -23.01 24.06
C THR B 119 4.51 -22.70 25.34
N VAL B 120 3.17 -22.57 25.24
CA VAL B 120 2.36 -22.25 26.40
C VAL B 120 1.53 -23.48 26.82
N SER B 121 1.85 -24.06 27.98
CA SER B 121 1.22 -25.27 28.50
C SER B 121 1.43 -25.36 30.01
N SER B 122 0.41 -25.89 30.68
CA SER B 122 0.42 -26.17 32.09
C SER B 122 0.88 -27.61 32.36
N ALA B 123 1.18 -28.39 31.32
CA ALA B 123 1.37 -29.84 31.49
C ALA B 123 2.65 -30.15 32.26
N SER B 124 2.64 -31.28 32.99
CA SER B 124 3.85 -31.99 33.39
C SER B 124 4.06 -33.21 32.49
N THR B 125 5.22 -33.84 32.61
CA THR B 125 5.50 -35.10 31.95
C THR B 125 4.35 -36.07 32.14
N LYS B 126 3.93 -36.69 31.05
CA LYS B 126 2.83 -37.64 31.07
C LYS B 126 2.96 -38.58 29.87
N GLY B 127 2.86 -39.87 30.13
CA GLY B 127 2.82 -40.86 29.09
C GLY B 127 1.43 -40.97 28.44
N PRO B 128 1.38 -41.47 27.18
CA PRO B 128 0.12 -41.55 26.46
C PRO B 128 -0.84 -42.69 26.86
N SER B 129 -2.12 -42.52 26.49
CA SER B 129 -3.07 -43.62 26.37
C SER B 129 -3.20 -43.97 24.90
N VAL B 130 -3.33 -45.26 24.58
CA VAL B 130 -3.34 -45.69 23.20
C VAL B 130 -4.63 -46.42 22.88
N PHE B 131 -5.25 -46.05 21.74
CA PHE B 131 -6.53 -46.57 21.32
C PHE B 131 -6.39 -47.16 19.92
N PRO B 132 -7.14 -48.25 19.62
CA PRO B 132 -7.01 -48.93 18.34
C PRO B 132 -7.87 -48.24 17.28
N LEU B 133 -7.34 -48.13 16.07
CA LEU B 133 -8.11 -47.75 14.89
C LEU B 133 -8.29 -48.99 14.01
N ALA B 134 -9.41 -49.68 14.25
CA ALA B 134 -9.63 -51.04 13.78
C ALA B 134 -9.95 -51.00 12.30
N PRO B 135 -9.50 -52.00 11.52
CA PRO B 135 -9.79 -52.05 10.09
C PRO B 135 -11.24 -52.36 9.81
N SER B 136 -11.64 -51.87 8.63
CA SER B 136 -13.02 -51.90 8.15
C SER B 136 -13.49 -53.35 8.16
N SER B 137 -14.79 -53.50 8.50
CA SER B 137 -15.59 -54.69 8.27
C SER B 137 -15.43 -55.15 6.82
N LYS B 138 -15.55 -54.19 5.90
CA LYS B 138 -15.59 -54.42 4.46
C LYS B 138 -14.24 -54.89 3.91
N SER B 139 -13.23 -54.01 3.97
CA SER B 139 -11.82 -54.38 3.92
C SER B 139 -11.24 -54.49 2.50
N THR B 140 -12.07 -54.57 1.44
CA THR B 140 -11.61 -54.45 0.04
C THR B 140 -11.03 -55.77 -0.48
N SER B 141 -11.61 -56.91 -0.10
CA SER B 141 -10.97 -58.21 -0.22
C SER B 141 -10.27 -58.35 -1.58
N GLY B 142 -9.05 -58.92 -1.56
CA GLY B 142 -8.17 -58.95 -2.73
C GLY B 142 -7.16 -57.80 -2.73
N GLY B 143 -7.54 -56.68 -2.06
CA GLY B 143 -6.74 -55.47 -1.97
C GLY B 143 -6.27 -55.21 -0.54
N THR B 144 -6.27 -53.93 -0.14
CA THR B 144 -5.60 -53.50 1.09
C THR B 144 -6.58 -52.98 2.15
N ALA B 145 -6.11 -52.89 3.40
CA ALA B 145 -6.88 -52.42 4.55
C ALA B 145 -5.98 -51.54 5.41
N ALA B 146 -6.47 -50.35 5.79
CA ALA B 146 -5.75 -49.53 6.75
C ALA B 146 -6.21 -49.83 8.17
N LEU B 147 -5.26 -49.81 9.12
CA LEU B 147 -5.54 -49.89 10.54
C LEU B 147 -4.49 -49.07 11.26
N GLY B 148 -4.75 -48.72 12.53
CA GLY B 148 -3.90 -47.72 13.16
C GLY B 148 -4.03 -47.70 14.68
N CYS B 149 -3.25 -46.79 15.30
CA CYS B 149 -3.30 -46.48 16.71
C CYS B 149 -3.42 -44.99 16.90
N LEU B 150 -4.25 -44.60 17.85
CA LEU B 150 -4.40 -43.21 18.21
C LEU B 150 -3.67 -43.04 19.53
N VAL B 151 -2.71 -42.14 19.55
CA VAL B 151 -1.82 -42.00 20.68
C VAL B 151 -2.16 -40.66 21.31
N LYS B 152 -2.77 -40.73 22.48
CA LYS B 152 -3.47 -39.59 23.01
C LYS B 152 -2.82 -39.06 24.30
N ASP B 153 -2.74 -37.72 24.41
CA ASP B 153 -2.55 -36.99 25.66
C ASP B 153 -1.21 -37.29 26.30
N TYR B 154 -0.08 -36.99 25.62
CA TYR B 154 1.23 -37.09 26.20
C TYR B 154 1.99 -35.77 26.19
N PHE B 155 3.05 -35.70 27.01
CA PHE B 155 3.81 -34.47 27.17
C PHE B 155 5.17 -34.84 27.79
N PRO B 156 6.28 -34.21 27.39
CA PRO B 156 6.39 -33.41 26.16
C PRO B 156 6.55 -34.31 24.93
N GLU B 157 6.83 -33.70 23.78
CA GLU B 157 7.23 -34.48 22.63
C GLU B 157 8.62 -35.08 22.89
N PRO B 158 9.03 -36.14 22.17
CA PRO B 158 8.22 -36.81 21.16
C PRO B 158 7.80 -38.22 21.55
N VAL B 159 7.02 -38.83 20.66
CA VAL B 159 6.61 -40.22 20.77
C VAL B 159 7.09 -40.84 19.48
N THR B 160 7.60 -42.08 19.56
CA THR B 160 7.85 -42.87 18.36
C THR B 160 6.98 -44.10 18.40
N VAL B 161 6.63 -44.57 17.20
CA VAL B 161 5.73 -45.70 17.06
C VAL B 161 6.35 -46.68 16.08
N SER B 162 6.33 -47.94 16.43
CA SER B 162 6.69 -48.98 15.49
C SER B 162 5.54 -49.96 15.49
N TRP B 163 5.59 -50.94 14.60
CA TRP B 163 4.59 -51.99 14.50
C TRP B 163 5.21 -53.39 14.58
N ASN B 164 4.58 -54.30 15.35
CA ASN B 164 5.07 -55.65 15.54
C ASN B 164 6.58 -55.64 15.89
N SER B 165 6.96 -54.71 16.78
CA SER B 165 8.31 -54.56 17.31
C SER B 165 9.36 -54.36 16.22
N GLY B 166 9.00 -53.61 15.18
CA GLY B 166 9.91 -53.29 14.09
C GLY B 166 9.76 -54.25 12.90
N ALA B 167 9.04 -55.37 13.06
CA ALA B 167 8.93 -56.36 12.00
C ALA B 167 8.05 -55.85 10.86
N LEU B 168 7.20 -54.84 11.10
CA LEU B 168 6.32 -54.32 10.05
C LEU B 168 6.67 -52.86 9.76
N THR B 169 7.22 -52.56 8.57
CA THR B 169 7.66 -51.21 8.24
C THR B 169 7.04 -50.71 6.92
N SER B 170 6.79 -51.62 5.97
CA SER B 170 6.16 -51.26 4.71
C SER B 170 4.76 -50.70 4.99
N GLY B 171 4.48 -49.53 4.43
CA GLY B 171 3.15 -48.97 4.48
C GLY B 171 2.86 -48.30 5.83
N VAL B 172 3.84 -48.22 6.73
CA VAL B 172 3.67 -47.52 7.99
C VAL B 172 3.85 -46.02 7.78
N HIS B 173 2.90 -45.20 8.28
CA HIS B 173 3.14 -43.77 8.44
C HIS B 173 2.74 -43.30 9.83
N THR B 174 3.64 -42.56 10.48
CA THR B 174 3.33 -41.98 11.78
C THR B 174 3.24 -40.47 11.60
N PHE B 175 2.06 -39.91 11.94
CA PHE B 175 1.73 -38.53 11.62
C PHE B 175 2.38 -37.60 12.63
N PRO B 176 2.53 -36.30 12.31
CA PRO B 176 2.96 -35.31 13.30
C PRO B 176 1.92 -35.16 14.40
N ALA B 177 2.35 -34.61 15.51
CA ALA B 177 1.48 -34.44 16.66
C ALA B 177 0.71 -33.15 16.54
N VAL B 178 -0.47 -33.09 17.13
CA VAL B 178 -1.18 -31.85 17.34
C VAL B 178 -1.12 -31.51 18.83
N LEU B 179 -0.96 -30.23 19.14
CA LEU B 179 -1.04 -29.75 20.50
C LEU B 179 -2.46 -29.27 20.77
N GLN B 180 -3.05 -29.87 21.80
CA GLN B 180 -4.45 -29.65 22.13
C GLN B 180 -4.54 -28.47 23.08
N SER B 181 -5.74 -27.92 23.21
CA SER B 181 -5.99 -26.77 24.05
C SER B 181 -5.73 -27.14 25.51
N SER B 182 -5.68 -28.44 25.80
CA SER B 182 -5.34 -28.96 27.13
C SER B 182 -3.86 -28.81 27.47
N GLY B 183 -3.03 -28.49 26.47
CA GLY B 183 -1.59 -28.43 26.66
C GLY B 183 -0.88 -29.78 26.45
N LEU B 184 -1.61 -30.83 25.97
CA LEU B 184 -1.08 -32.18 25.76
C LEU B 184 -1.10 -32.53 24.27
N TYR B 185 -0.17 -33.40 23.83
CA TYR B 185 -0.04 -33.80 22.44
C TYR B 185 -0.78 -35.10 22.15
N SER B 186 -1.26 -35.22 20.90
CA SER B 186 -1.74 -36.46 20.33
C SER B 186 -1.19 -36.66 18.92
N LEU B 187 -1.11 -37.91 18.50
CA LEU B 187 -0.77 -38.25 17.13
C LEU B 187 -1.39 -39.60 16.79
N SER B 188 -1.31 -39.98 15.51
CA SER B 188 -1.76 -41.29 15.02
C SER B 188 -0.67 -41.97 14.20
N SER B 189 -0.71 -43.30 14.15
CA SER B 189 0.12 -44.09 13.28
C SER B 189 -0.79 -45.04 12.52
N VAL B 190 -0.48 -45.25 11.24
CA VAL B 190 -1.32 -46.09 10.41
C VAL B 190 -0.43 -47.04 9.63
N VAL B 191 -1.00 -48.20 9.27
CA VAL B 191 -0.36 -49.15 8.39
C VAL B 191 -1.45 -49.73 7.50
N THR B 192 -1.10 -49.91 6.22
CA THR B 192 -1.93 -50.50 5.19
C THR B 192 -1.44 -51.93 4.97
N VAL B 193 -2.34 -52.89 5.05
CA VAL B 193 -1.92 -54.26 4.98
C VAL B 193 -2.85 -54.99 4.04
N PRO B 194 -2.48 -56.21 3.59
CA PRO B 194 -3.39 -57.07 2.84
C PRO B 194 -4.61 -57.43 3.66
N SER B 195 -5.78 -57.40 3.02
CA SER B 195 -7.04 -57.70 3.67
C SER B 195 -7.13 -59.16 4.07
N SER B 196 -6.39 -60.01 3.35
CA SER B 196 -6.40 -61.45 3.63
C SER B 196 -5.60 -61.77 4.89
N SER B 197 -4.72 -60.83 5.29
CA SER B 197 -3.93 -60.95 6.51
C SER B 197 -4.76 -60.77 7.79
N LEU B 198 -5.90 -60.08 7.73
CA LEU B 198 -6.61 -59.73 8.97
C LEU B 198 -7.05 -61.05 9.59
N GLY B 199 -6.96 -61.21 10.90
CA GLY B 199 -7.23 -62.53 11.46
C GLY B 199 -6.33 -63.67 10.93
N THR B 200 -5.04 -63.39 10.64
CA THR B 200 -3.96 -64.38 10.57
C THR B 200 -2.60 -63.73 10.92
N GLN B 201 -2.44 -62.42 10.71
CA GLN B 201 -1.42 -61.64 11.38
C GLN B 201 -2.06 -60.86 12.51
N THR B 202 -1.40 -60.89 13.66
CA THR B 202 -1.65 -59.95 14.72
C THR B 202 -0.93 -58.65 14.39
N TYR B 203 -1.59 -57.54 14.72
CA TYR B 203 -1.07 -56.19 14.55
C TYR B 203 -1.08 -55.49 15.89
N ILE B 204 0.11 -55.03 16.28
CA ILE B 204 0.35 -54.37 17.55
C ILE B 204 1.18 -53.11 17.28
N CYS B 205 0.71 -51.95 17.73
CA CYS B 205 1.58 -50.79 17.73
C CYS B 205 2.31 -50.72 19.06
N ASN B 206 3.56 -50.27 18.95
CA ASN B 206 4.48 -50.12 20.06
C ASN B 206 4.81 -48.65 20.18
N VAL B 207 4.28 -48.02 21.22
CA VAL B 207 4.43 -46.60 21.36
C VAL B 207 5.48 -46.32 22.42
N ASN B 208 6.50 -45.53 22.08
CA ASN B 208 7.60 -45.27 22.97
C ASN B 208 7.59 -43.79 23.34
N HIS B 209 7.48 -43.48 24.64
CA HIS B 209 7.56 -42.10 25.08
C HIS B 209 8.68 -41.98 26.10
N LYS B 210 9.88 -41.62 25.62
CA LYS B 210 11.09 -41.68 26.42
C LYS B 210 11.00 -40.72 27.61
N PRO B 211 10.47 -39.46 27.47
CA PRO B 211 10.38 -38.57 28.63
C PRO B 211 9.67 -39.17 29.86
N SER B 212 8.69 -40.08 29.65
CA SER B 212 7.92 -40.66 30.75
C SER B 212 8.42 -42.05 31.05
N ASN B 213 9.43 -42.51 30.30
CA ASN B 213 9.88 -43.90 30.38
C ASN B 213 8.69 -44.84 30.31
N THR B 214 7.79 -44.60 29.34
CA THR B 214 6.73 -45.57 29.09
C THR B 214 6.85 -46.13 27.69
N LYS B 215 6.70 -47.44 27.61
CA LYS B 215 6.33 -48.05 26.35
C LYS B 215 4.95 -48.69 26.50
N VAL B 216 4.11 -48.50 25.49
CA VAL B 216 2.75 -48.99 25.50
C VAL B 216 2.50 -49.76 24.22
N ASP B 217 2.02 -50.99 24.40
CA ASP B 217 1.66 -51.87 23.30
C ASP B 217 0.14 -51.89 23.16
N LYS B 218 -0.36 -51.80 21.95
CA LYS B 218 -1.79 -51.96 21.78
C LYS B 218 -2.04 -52.86 20.58
N ARG B 219 -2.74 -53.97 20.85
CA ARG B 219 -3.19 -54.90 19.83
C ARG B 219 -4.38 -54.27 19.13
N VAL B 220 -4.38 -54.29 17.78
CA VAL B 220 -5.47 -53.76 16.97
C VAL B 220 -6.18 -54.92 16.26
N GLU B 221 -7.46 -55.15 16.65
CA GLU B 221 -8.25 -56.33 16.32
C GLU B 221 -9.31 -55.97 15.27
N PRO B 222 -9.49 -56.74 14.17
CA PRO B 222 -10.55 -56.47 13.19
C PRO B 222 -11.93 -56.47 13.82
N LYS B 223 -12.88 -55.72 13.24
CA LYS B 223 -14.14 -55.47 13.90
C LYS B 223 -14.97 -56.76 13.96
N ASN C 1 -9.70 -2.55 7.88
CA ASN C 1 -9.55 -4.02 8.04
C ASN C 1 -9.78 -4.71 6.69
N PHE C 2 -8.95 -5.73 6.39
CA PHE C 2 -9.16 -6.56 5.22
C PHE C 2 -8.39 -7.86 5.38
N MET C 3 -8.74 -8.81 4.52
CA MET C 3 -8.05 -10.08 4.41
C MET C 3 -7.34 -10.13 3.06
N LEU C 4 -6.30 -10.96 2.99
CA LEU C 4 -5.66 -11.31 1.74
C LEU C 4 -5.84 -12.79 1.51
N THR C 5 -6.45 -13.17 0.39
CA THR C 5 -6.71 -14.57 0.12
C THR C 5 -5.76 -15.03 -1.00
N GLN C 6 -5.04 -16.12 -0.70
CA GLN C 6 -4.20 -16.78 -1.70
C GLN C 6 -4.74 -18.19 -1.99
N PRO C 7 -4.41 -18.81 -3.13
CA PRO C 7 -4.73 -20.22 -3.32
C PRO C 7 -3.95 -21.09 -2.33
N HIS C 8 -4.53 -22.21 -1.90
CA HIS C 8 -3.89 -23.07 -0.93
C HIS C 8 -2.58 -23.61 -1.55
N SER C 9 -2.61 -23.98 -2.82
CA SER C 9 -1.46 -24.63 -3.42
C SER C 9 -1.40 -24.35 -4.92
N VAL C 10 -0.17 -24.38 -5.44
CA VAL C 10 0.07 -24.33 -6.88
C VAL C 10 1.18 -25.33 -7.18
N SER C 11 1.26 -25.79 -8.42
CA SER C 11 2.38 -26.61 -8.84
C SER C 11 2.65 -26.46 -10.33
N GLU C 12 3.90 -26.63 -10.72
CA GLU C 12 4.30 -26.77 -12.12
C GLU C 12 5.60 -27.56 -12.21
N SER C 13 6.00 -27.94 -13.43
CA SER C 13 7.21 -28.70 -13.68
C SER C 13 8.40 -27.76 -13.74
N PRO C 14 9.62 -28.28 -13.56
CA PRO C 14 10.83 -27.46 -13.74
C PRO C 14 10.84 -26.78 -15.11
N GLY C 15 11.27 -25.52 -15.13
CA GLY C 15 11.38 -24.78 -16.37
C GLY C 15 10.10 -24.05 -16.75
N LYS C 16 8.97 -24.38 -16.11
CA LYS C 16 7.70 -23.74 -16.43
C LYS C 16 7.43 -22.51 -15.57
N THR C 17 6.30 -21.85 -15.85
CA THR C 17 5.91 -20.60 -15.22
C THR C 17 4.64 -20.84 -14.39
N VAL C 18 4.61 -20.28 -13.16
CA VAL C 18 3.48 -20.40 -12.26
C VAL C 18 3.17 -19.02 -11.67
N THR C 19 1.89 -18.78 -11.34
CA THR C 19 1.43 -17.52 -10.78
C THR C 19 0.66 -17.79 -9.49
N ILE C 20 0.92 -16.95 -8.49
CA ILE C 20 0.23 -17.01 -7.21
C ILE C 20 -0.50 -15.68 -7.03
N SER C 21 -1.83 -15.75 -6.89
CA SER C 21 -2.64 -14.57 -6.72
C SER C 21 -2.86 -14.33 -5.23
N CYS C 22 -3.25 -13.10 -4.92
CA CYS C 22 -3.45 -12.57 -3.58
C CYS C 22 -4.54 -11.51 -3.67
N THR C 23 -5.75 -11.88 -3.29
CA THR C 23 -6.90 -11.01 -3.48
C THR C 23 -7.25 -10.26 -2.20
N ARG C 24 -7.43 -8.95 -2.28
CA ARG C 24 -7.78 -8.14 -1.13
C ARG C 24 -9.31 -8.05 -0.95
N SER C 25 -9.78 -8.30 0.28
CA SER C 25 -11.20 -8.50 0.54
C SER C 25 -12.00 -7.19 0.53
N SER C 26 -11.41 -6.09 1.00
CA SER C 26 -12.02 -4.79 0.86
C SER C 26 -10.94 -3.71 0.77
N GLY C 27 -11.33 -2.59 0.16
CA GLY C 27 -10.38 -1.56 -0.20
C GLY C 27 -9.61 -1.99 -1.44
N SER C 28 -8.99 -1.03 -2.11
CA SER C 28 -8.31 -1.28 -3.37
C SER C 28 -6.93 -1.87 -3.10
N ILE C 29 -6.57 -2.89 -3.88
CA ILE C 29 -5.25 -3.51 -3.77
C ILE C 29 -4.18 -2.44 -3.96
N ASP C 30 -4.40 -1.41 -4.78
CA ASP C 30 -3.28 -0.50 -5.00
C ASP C 30 -3.29 0.67 -4.01
N SER C 31 -4.13 0.64 -2.97
CA SER C 31 -4.06 1.64 -1.92
C SER C 31 -2.80 1.53 -1.08
N ASN C 32 -2.17 0.35 -1.04
CA ASN C 32 -1.09 0.07 -0.13
C ASN C 32 -0.14 -0.92 -0.79
N TYR C 33 1.16 -0.80 -0.52
CA TYR C 33 2.13 -1.66 -1.17
C TYR C 33 1.97 -3.13 -0.76
N VAL C 34 2.26 -4.01 -1.72
CA VAL C 34 2.27 -5.44 -1.52
C VAL C 34 3.70 -5.96 -1.52
N GLN C 35 3.98 -6.82 -0.54
CA GLN C 35 5.21 -7.60 -0.46
C GLN C 35 4.91 -9.08 -0.62
N TRP C 36 5.93 -9.81 -1.09
CA TRP C 36 5.91 -11.25 -1.16
C TRP C 36 7.13 -11.80 -0.45
N TYR C 37 6.93 -12.93 0.23
CA TYR C 37 7.98 -13.62 0.97
C TYR C 37 8.01 -15.07 0.56
N GLN C 38 9.23 -15.64 0.52
CA GLN C 38 9.43 -17.06 0.39
C GLN C 38 9.82 -17.61 1.75
N GLN C 39 9.26 -18.77 2.10
CA GLN C 39 9.71 -19.47 3.29
C GLN C 39 9.92 -20.93 2.98
N ARG C 40 11.16 -21.41 3.06
CA ARG C 40 11.48 -22.82 2.87
C ARG C 40 11.23 -23.55 4.17
N PRO C 41 10.95 -24.86 4.12
CA PRO C 41 10.58 -25.57 5.35
C PRO C 41 11.77 -25.52 6.31
N GLY C 42 11.50 -25.06 7.53
CA GLY C 42 12.51 -25.02 8.60
C GLY C 42 13.42 -23.78 8.57
N SER C 43 12.99 -22.75 7.83
CA SER C 43 13.78 -21.55 7.62
C SER C 43 12.92 -20.31 7.83
N ALA C 44 13.58 -19.19 8.16
CA ALA C 44 12.94 -17.89 8.26
C ALA C 44 12.47 -17.42 6.89
N PRO C 45 11.40 -16.61 6.82
CA PRO C 45 11.00 -16.02 5.55
C PRO C 45 12.09 -15.11 4.97
N THR C 46 12.15 -14.98 3.65
CA THR C 46 12.91 -13.90 3.05
C THR C 46 12.04 -13.15 2.06
N ILE C 47 12.33 -11.87 1.88
CA ILE C 47 11.52 -11.07 0.96
C ILE C 47 11.94 -11.32 -0.49
N VAL C 48 10.98 -11.47 -1.40
CA VAL C 48 11.28 -11.68 -2.82
C VAL C 48 10.74 -10.53 -3.68
N ILE C 49 9.64 -9.88 -3.26
CA ILE C 49 9.12 -8.68 -3.89
C ILE C 49 8.75 -7.65 -2.83
N HIS C 50 9.06 -6.38 -3.11
CA HIS C 50 8.59 -5.28 -2.29
C HIS C 50 8.00 -4.18 -3.17
N GLU C 51 7.17 -3.33 -2.56
CA GLU C 51 6.52 -2.20 -3.22
C GLU C 51 5.82 -2.63 -4.51
N ASP C 52 5.03 -3.73 -4.41
CA ASP C 52 4.16 -4.30 -5.45
C ASP C 52 4.97 -5.09 -6.48
N ASN C 53 6.05 -4.51 -6.99
CA ASN C 53 6.70 -5.07 -8.17
C ASN C 53 8.23 -4.89 -8.21
N GLN C 54 8.85 -4.49 -7.08
CA GLN C 54 10.29 -4.30 -7.10
C GLN C 54 10.97 -5.53 -6.51
N ARG C 55 12.15 -5.79 -7.00
CA ARG C 55 12.89 -6.97 -6.63
C ARG C 55 14.07 -6.54 -5.75
N PRO C 56 14.27 -7.13 -4.54
CA PRO C 56 15.48 -6.87 -3.78
C PRO C 56 16.72 -7.27 -4.58
N SER C 57 17.81 -6.53 -4.37
CA SER C 57 19.13 -6.94 -4.81
C SER C 57 19.28 -8.45 -4.71
N GLY C 58 19.49 -9.09 -5.86
CA GLY C 58 19.99 -10.46 -5.84
C GLY C 58 18.88 -11.49 -5.89
N VAL C 59 17.66 -11.00 -5.97
CA VAL C 59 16.57 -11.91 -6.27
C VAL C 59 16.59 -12.07 -7.79
N PRO C 60 16.57 -13.31 -8.30
CA PRO C 60 16.60 -13.52 -9.75
C PRO C 60 15.39 -12.86 -10.43
N ASP C 61 15.59 -12.44 -11.67
CA ASP C 61 14.56 -11.76 -12.42
C ASP C 61 13.49 -12.77 -12.88
N ARG C 62 13.61 -14.05 -12.54
CA ARG C 62 12.57 -15.05 -12.73
C ARG C 62 11.32 -14.76 -11.86
N PHE C 63 11.55 -14.03 -10.74
CA PHE C 63 10.47 -13.63 -9.86
C PHE C 63 9.90 -12.26 -10.29
N SER C 64 8.59 -12.14 -10.52
CA SER C 64 8.07 -10.80 -10.79
C SER C 64 6.77 -10.58 -10.06
N GLY C 65 6.52 -9.33 -9.69
CA GLY C 65 5.26 -9.03 -9.04
C GLY C 65 4.45 -8.06 -9.90
N SER C 66 3.12 -8.23 -9.81
CA SER C 66 2.19 -7.40 -10.54
C SER C 66 0.99 -7.11 -9.65
N ILE C 67 0.24 -6.11 -10.09
CA ILE C 67 -1.01 -5.72 -9.48
C ILE C 67 -2.06 -5.74 -10.60
N ASP C 68 -3.25 -6.24 -10.28
CA ASP C 68 -4.38 -6.19 -11.20
C ASP C 68 -5.57 -5.54 -10.49
N THR C 69 -5.74 -4.25 -10.77
CA THR C 69 -6.84 -3.46 -10.23
C THR C 69 -8.19 -4.12 -10.49
N SER C 70 -8.38 -4.72 -11.68
CA SER C 70 -9.71 -5.18 -12.04
C SER C 70 -10.12 -6.37 -11.19
N SER C 71 -9.17 -7.20 -10.73
CA SER C 71 -9.51 -8.33 -9.86
C SER C 71 -9.16 -8.06 -8.39
N ASN C 72 -8.73 -6.83 -8.10
CA ASN C 72 -8.31 -6.40 -6.76
C ASN C 72 -7.30 -7.38 -6.17
N SER C 73 -6.32 -7.77 -6.98
CA SER C 73 -5.39 -8.78 -6.60
C SER C 73 -3.96 -8.38 -6.96
N ALA C 74 -3.01 -8.98 -6.24
CA ALA C 74 -1.60 -8.92 -6.59
C ALA C 74 -1.19 -10.32 -7.02
N SER C 75 -0.11 -10.40 -7.79
CA SER C 75 0.37 -11.68 -8.28
C SER C 75 1.89 -11.76 -8.21
N LEU C 76 2.34 -12.95 -7.84
CA LEU C 76 3.73 -13.31 -7.88
C LEU C 76 3.86 -14.34 -9.01
N THR C 77 4.72 -14.06 -9.98
CA THR C 77 4.90 -14.98 -11.10
C THR C 77 6.34 -15.47 -11.03
N ILE C 78 6.54 -16.79 -11.16
CA ILE C 78 7.87 -17.34 -11.15
C ILE C 78 8.04 -18.09 -12.48
N SER C 79 8.97 -17.61 -13.32
CA SER C 79 9.31 -18.28 -14.56
C SER C 79 10.54 -19.17 -14.36
N GLY C 80 10.78 -20.04 -15.32
CA GLY C 80 11.90 -20.95 -15.27
C GLY C 80 12.05 -21.67 -13.93
N LEU C 81 10.95 -22.24 -13.39
CA LEU C 81 10.99 -22.86 -12.07
C LEU C 81 12.18 -23.80 -11.93
N LYS C 82 12.83 -23.68 -10.77
CA LYS C 82 13.90 -24.58 -10.36
C LYS C 82 13.40 -25.35 -9.14
N THR C 83 13.97 -26.52 -8.88
CA THR C 83 13.50 -27.33 -7.77
C THR C 83 13.64 -26.60 -6.43
N GLU C 84 14.62 -25.69 -6.29
CA GLU C 84 14.79 -24.93 -5.05
C GLU C 84 13.67 -23.91 -4.82
N ASP C 85 12.81 -23.65 -5.82
CA ASP C 85 11.74 -22.69 -5.66
C ASP C 85 10.58 -23.29 -4.86
N GLU C 86 10.57 -24.63 -4.70
CA GLU C 86 9.62 -25.31 -3.83
C GLU C 86 9.73 -24.74 -2.41
N ALA C 87 8.60 -24.19 -1.93
CA ALA C 87 8.54 -23.39 -0.72
C ALA C 87 7.12 -22.92 -0.47
N ASP C 88 6.89 -22.32 0.69
CA ASP C 88 5.65 -21.59 0.91
C ASP C 88 5.86 -20.12 0.55
N TYR C 89 4.84 -19.49 -0.05
CA TYR C 89 4.92 -18.08 -0.42
C TYR C 89 3.77 -17.32 0.24
N TYR C 90 4.09 -16.13 0.76
CA TYR C 90 3.12 -15.30 1.46
C TYR C 90 3.11 -13.92 0.85
N CYS C 91 1.91 -13.39 0.63
CA CYS C 91 1.77 -11.98 0.29
C CYS C 91 1.44 -11.21 1.56
N GLN C 92 1.68 -9.89 1.50
CA GLN C 92 1.50 -9.06 2.67
C GLN C 92 1.21 -7.64 2.22
N SER C 93 0.29 -6.98 2.93
CA SER C 93 0.10 -5.56 2.78
C SER C 93 -0.29 -5.03 4.16
N TYR C 94 -0.95 -3.87 4.18
CA TYR C 94 -1.26 -3.17 5.43
C TYR C 94 -2.33 -2.13 5.15
N ASP C 95 -3.04 -1.68 6.20
CA ASP C 95 -3.70 -0.38 6.21
C ASP C 95 -2.82 0.57 7.03
N PRO C 96 -3.21 1.84 7.20
CA PRO C 96 -2.33 2.72 7.96
C PRO C 96 -2.11 2.32 9.44
N SER C 97 -2.69 1.21 9.89
CA SER C 97 -2.21 0.64 11.14
C SER C 97 -1.69 -0.80 10.92
N ASN C 98 -2.59 -1.73 10.59
CA ASN C 98 -2.35 -3.15 10.80
C ASN C 98 -1.75 -3.78 9.57
N VAL C 99 -0.80 -4.69 9.78
CA VAL C 99 -0.20 -5.54 8.77
C VAL C 99 -1.04 -6.79 8.55
N VAL C 100 -1.25 -7.15 7.28
CA VAL C 100 -2.04 -8.31 6.94
C VAL C 100 -1.18 -9.22 6.06
N PHE C 101 -1.11 -10.50 6.44
CA PHE C 101 -0.54 -11.54 5.62
C PHE C 101 -1.64 -12.38 4.99
N GLY C 102 -1.41 -12.78 3.74
CA GLY C 102 -2.13 -13.88 3.13
C GLY C 102 -1.87 -15.20 3.87
N GLY C 103 -2.72 -16.19 3.59
CA GLY C 103 -2.70 -17.43 4.35
C GLY C 103 -1.60 -18.38 3.88
N GLY C 104 -0.90 -17.99 2.80
CA GLY C 104 0.20 -18.77 2.26
C GLY C 104 -0.24 -19.72 1.15
N THR C 105 0.70 -20.03 0.22
CA THR C 105 0.50 -20.92 -0.92
C THR C 105 1.68 -21.87 -0.93
N LYS C 106 1.46 -23.19 -0.90
CA LYS C 106 2.54 -24.14 -1.11
C LYS C 106 2.78 -24.32 -2.61
N LEU C 107 3.97 -23.92 -3.06
CA LEU C 107 4.42 -24.19 -4.42
C LEU C 107 5.20 -25.51 -4.42
N THR C 108 4.71 -26.50 -5.15
CA THR C 108 5.41 -27.72 -5.43
C THR C 108 5.99 -27.65 -6.84
N VAL C 109 7.28 -27.92 -6.98
CA VAL C 109 7.86 -28.15 -8.29
C VAL C 109 7.81 -29.64 -8.57
N LEU C 110 6.95 -30.01 -9.53
CA LEU C 110 6.56 -31.39 -9.78
C LEU C 110 7.77 -32.23 -10.15
N GLY C 111 7.96 -33.31 -9.40
CA GLY C 111 9.06 -34.23 -9.61
C GLY C 111 8.59 -35.68 -9.72
N GLN C 112 7.26 -35.89 -9.65
CA GLN C 112 6.65 -37.20 -9.85
C GLN C 112 5.22 -37.00 -10.33
N PRO C 113 4.53 -38.04 -10.85
CA PRO C 113 3.13 -37.85 -11.23
C PRO C 113 2.19 -37.48 -10.07
N LYS C 114 1.16 -36.71 -10.41
CA LYS C 114 0.08 -36.44 -9.46
C LYS C 114 -0.52 -37.76 -8.99
N ALA C 115 -0.96 -37.77 -7.73
CA ALA C 115 -1.54 -38.97 -7.15
C ALA C 115 -2.62 -38.52 -6.18
N ALA C 116 -3.81 -39.09 -6.38
CA ALA C 116 -5.00 -38.79 -5.62
C ALA C 116 -4.88 -39.44 -4.24
N PRO C 117 -5.39 -38.80 -3.17
CA PRO C 117 -5.25 -39.37 -1.83
C PRO C 117 -6.08 -40.63 -1.60
N SER C 118 -5.55 -41.51 -0.78
CA SER C 118 -6.37 -42.59 -0.24
C SER C 118 -6.87 -42.10 1.12
N VAL C 119 -8.16 -42.31 1.43
CA VAL C 119 -8.75 -41.75 2.63
C VAL C 119 -9.38 -42.86 3.44
N THR C 120 -9.11 -42.90 4.74
CA THR C 120 -9.81 -43.81 5.63
C THR C 120 -10.31 -43.02 6.83
N LEU C 121 -11.61 -43.17 7.13
CA LEU C 121 -12.20 -42.47 8.27
C LEU C 121 -12.57 -43.48 9.35
N PHE C 122 -11.95 -43.37 10.53
CA PHE C 122 -12.20 -44.33 11.61
C PHE C 122 -13.18 -43.74 12.61
N PRO C 123 -14.23 -44.49 13.01
CA PRO C 123 -15.11 -44.08 14.09
C PRO C 123 -14.38 -44.21 15.41
N PRO C 124 -14.98 -43.65 16.49
CA PRO C 124 -14.42 -43.76 17.84
C PRO C 124 -14.34 -45.25 18.18
N SER C 125 -13.23 -45.65 18.79
CA SER C 125 -13.07 -47.03 19.28
C SER C 125 -13.99 -47.28 20.48
N SER C 126 -14.41 -48.54 20.68
CA SER C 126 -15.21 -48.81 21.87
C SER C 126 -14.42 -48.48 23.15
N GLU C 127 -13.09 -48.65 23.13
CA GLU C 127 -12.28 -48.34 24.30
C GLU C 127 -12.40 -46.85 24.60
N GLU C 128 -12.37 -45.99 23.59
CA GLU C 128 -12.42 -44.54 23.82
C GLU C 128 -13.80 -44.15 24.34
N LEU C 129 -14.86 -44.72 23.75
CA LEU C 129 -16.22 -44.49 24.21
C LEU C 129 -16.37 -44.95 25.66
N GLN C 130 -15.66 -46.01 26.04
CA GLN C 130 -15.73 -46.49 27.41
C GLN C 130 -14.97 -45.54 28.34
N ALA C 131 -14.05 -44.74 27.81
CA ALA C 131 -13.44 -43.67 28.58
C ALA C 131 -14.16 -42.34 28.36
N ASN C 132 -15.43 -42.37 27.90
CA ASN C 132 -16.28 -41.20 27.78
C ASN C 132 -15.66 -40.12 26.87
N LYS C 133 -14.94 -40.58 25.83
CA LYS C 133 -14.48 -39.67 24.79
C LYS C 133 -14.80 -40.26 23.42
N ALA C 134 -14.63 -39.45 22.38
CA ALA C 134 -14.93 -39.85 21.01
C ALA C 134 -14.15 -38.97 20.04
N THR C 135 -13.26 -39.61 19.29
CA THR C 135 -12.51 -38.93 18.25
C THR C 135 -12.76 -39.64 16.94
N LEU C 136 -13.11 -38.88 15.91
CA LEU C 136 -13.16 -39.37 14.55
C LEU C 136 -11.79 -39.05 13.97
N VAL C 137 -11.19 -40.06 13.33
CA VAL C 137 -9.85 -39.90 12.78
C VAL C 137 -9.90 -40.16 11.28
N CYS C 138 -9.57 -39.12 10.51
CA CYS C 138 -9.53 -39.20 9.06
C CYS C 138 -8.08 -39.20 8.59
N LEU C 139 -7.62 -40.32 8.03
CA LEU C 139 -6.23 -40.48 7.65
C LEU C 139 -6.11 -40.50 6.12
N ILE C 140 -5.16 -39.68 5.65
CA ILE C 140 -5.06 -39.34 4.26
C ILE C 140 -3.64 -39.71 3.81
N SER C 141 -3.50 -40.55 2.80
CA SER C 141 -2.16 -40.97 2.43
C SER C 141 -1.98 -41.03 0.91
N ASP C 142 -0.71 -41.15 0.50
CA ASP C 142 -0.32 -41.46 -0.87
C ASP C 142 -0.73 -40.37 -1.86
N PHE C 143 -0.69 -39.09 -1.48
CA PHE C 143 -1.03 -38.07 -2.45
C PHE C 143 0.18 -37.22 -2.84
N TYR C 144 0.05 -36.56 -3.98
CA TYR C 144 1.08 -35.69 -4.50
C TYR C 144 0.46 -34.81 -5.57
N PRO C 145 0.65 -33.48 -5.57
CA PRO C 145 1.43 -32.77 -4.56
C PRO C 145 0.91 -32.81 -3.13
N GLY C 146 1.81 -32.44 -2.19
CA GLY C 146 1.56 -32.58 -0.76
C GLY C 146 0.75 -31.42 -0.21
N ALA C 147 -0.48 -31.24 -0.71
CA ALA C 147 -1.38 -30.21 -0.24
C ALA C 147 -2.80 -30.72 -0.33
N VAL C 148 -3.59 -30.56 0.73
CA VAL C 148 -5.00 -30.92 0.71
C VAL C 148 -5.75 -29.92 1.58
N THR C 149 -7.07 -29.81 1.35
CA THR C 149 -7.98 -29.20 2.31
C THR C 149 -8.97 -30.25 2.76
N VAL C 150 -9.40 -30.12 4.02
CA VAL C 150 -10.26 -31.10 4.69
C VAL C 150 -11.50 -30.37 5.18
N ALA C 151 -12.67 -30.96 4.94
CA ALA C 151 -13.93 -30.43 5.44
C ALA C 151 -14.69 -31.54 6.16
N TRP C 152 -15.31 -31.23 7.30
CA TRP C 152 -16.10 -32.23 8.00
C TRP C 152 -17.59 -31.88 7.89
N LYS C 153 -18.42 -32.94 7.86
CA LYS C 153 -19.88 -32.84 7.91
C LYS C 153 -20.42 -33.71 9.03
N ALA C 154 -21.29 -33.12 9.86
CA ALA C 154 -22.19 -33.85 10.74
C ALA C 154 -23.56 -33.92 10.05
N ASP C 155 -24.02 -35.14 9.76
CA ASP C 155 -25.11 -35.34 8.79
C ASP C 155 -24.68 -34.68 7.48
N SER C 156 -25.39 -33.62 7.05
CA SER C 156 -25.11 -32.95 5.78
C SER C 156 -24.59 -31.53 5.99
N SER C 157 -24.38 -31.16 7.26
CA SER C 157 -24.02 -29.79 7.64
C SER C 157 -22.52 -29.66 7.97
N PRO C 158 -21.86 -28.56 7.53
CA PRO C 158 -20.47 -28.28 7.90
C PRO C 158 -20.27 -28.23 9.41
N VAL C 159 -19.11 -28.71 9.87
CA VAL C 159 -18.74 -28.60 11.26
C VAL C 159 -17.27 -28.18 11.28
N LYS C 160 -17.00 -27.12 12.04
CA LYS C 160 -15.70 -26.47 12.11
C LYS C 160 -15.11 -26.68 13.51
N ALA C 161 -15.97 -26.68 14.53
CA ALA C 161 -15.52 -26.73 15.91
C ALA C 161 -15.01 -28.14 16.27
N GLY C 162 -13.86 -28.20 16.94
CA GLY C 162 -13.31 -29.47 17.35
C GLY C 162 -12.51 -30.18 16.26
N VAL C 163 -12.20 -29.49 15.17
CA VAL C 163 -11.39 -30.05 14.09
C VAL C 163 -9.93 -29.63 14.24
N GLU C 164 -9.00 -30.58 14.12
CA GLU C 164 -7.59 -30.26 14.00
C GLU C 164 -7.00 -31.07 12.84
N THR C 165 -6.22 -30.39 11.99
CA THR C 165 -5.66 -31.02 10.81
C THR C 165 -4.13 -30.82 10.82
N THR C 166 -3.40 -31.85 10.41
CA THR C 166 -1.96 -31.76 10.34
C THR C 166 -1.58 -31.32 8.93
N THR C 167 -0.45 -30.59 8.83
CA THR C 167 0.17 -30.22 7.57
C THR C 167 0.78 -31.46 6.94
N PRO C 168 0.64 -31.68 5.61
CA PRO C 168 1.16 -32.89 4.99
C PRO C 168 2.66 -33.07 5.19
N SER C 169 3.07 -34.32 5.36
CA SER C 169 4.48 -34.65 5.42
C SER C 169 4.74 -35.92 4.63
N LYS C 170 6.01 -36.06 4.26
CA LYS C 170 6.47 -37.08 3.32
C LYS C 170 6.35 -38.43 3.99
N GLN C 171 5.89 -39.41 3.22
CA GLN C 171 5.95 -40.81 3.57
C GLN C 171 7.27 -41.41 3.12
N SER C 172 7.49 -42.69 3.52
CA SER C 172 8.59 -43.51 3.05
C SER C 172 8.75 -43.41 1.54
N ASN C 173 7.62 -43.53 0.82
CA ASN C 173 7.62 -43.66 -0.63
C ASN C 173 7.69 -42.30 -1.32
N ASN C 174 7.82 -41.20 -0.58
CA ASN C 174 8.04 -39.88 -1.14
C ASN C 174 6.74 -39.23 -1.64
N LYS C 175 5.60 -39.88 -1.49
CA LYS C 175 4.32 -39.18 -1.52
C LYS C 175 4.03 -38.59 -0.15
N TYR C 176 2.86 -37.95 0.00
CA TYR C 176 2.52 -37.28 1.23
C TYR C 176 1.32 -37.90 1.96
N ALA C 177 1.25 -37.62 3.26
CA ALA C 177 0.13 -38.06 4.08
C ALA C 177 -0.27 -36.89 4.98
N ALA C 178 -1.51 -36.96 5.46
CA ALA C 178 -1.99 -35.99 6.44
C ALA C 178 -3.08 -36.63 7.29
N SER C 179 -3.37 -35.97 8.41
CA SER C 179 -4.39 -36.46 9.33
C SER C 179 -5.34 -35.31 9.73
N SER C 180 -6.59 -35.68 10.02
CA SER C 180 -7.49 -34.72 10.58
C SER C 180 -8.36 -35.41 11.63
N TYR C 181 -8.71 -34.62 12.65
CA TYR C 181 -9.45 -35.11 13.80
C TYR C 181 -10.69 -34.25 14.04
N LEU C 182 -11.76 -34.95 14.41
CA LEU C 182 -12.95 -34.31 14.96
C LEU C 182 -13.18 -34.86 16.36
N SER C 183 -13.02 -34.01 17.37
CA SER C 183 -13.26 -34.40 18.74
C SER C 183 -14.72 -34.16 19.09
N LEU C 184 -15.40 -35.21 19.53
CA LEU C 184 -16.78 -35.13 19.97
C LEU C 184 -16.93 -35.71 21.38
N THR C 185 -18.03 -35.33 22.04
CA THR C 185 -18.57 -36.10 23.16
C THR C 185 -19.22 -37.36 22.61
N PRO C 186 -19.31 -38.45 23.41
CA PRO C 186 -20.11 -39.63 23.06
C PRO C 186 -21.58 -39.32 22.70
N GLU C 187 -22.11 -38.28 23.32
CA GLU C 187 -23.49 -37.83 23.10
C GLU C 187 -23.65 -37.22 21.70
N GLN C 188 -22.72 -36.39 21.25
CA GLN C 188 -22.72 -35.87 19.88
C GLN C 188 -22.56 -36.98 18.82
N TRP C 189 -21.70 -37.95 19.10
CA TRP C 189 -21.48 -39.06 18.20
C TRP C 189 -22.78 -39.83 17.99
N LYS C 190 -23.49 -40.10 19.09
CA LYS C 190 -24.68 -40.95 19.07
C LYS C 190 -25.86 -40.16 18.51
N SER C 191 -25.75 -38.82 18.54
CA SER C 191 -26.84 -37.88 18.23
C SER C 191 -27.02 -37.58 16.74
N HIS C 192 -26.00 -37.85 15.91
CA HIS C 192 -26.19 -37.62 14.50
C HIS C 192 -26.28 -38.96 13.77
N ARG C 193 -26.97 -38.93 12.64
CA ARG C 193 -27.11 -40.09 11.79
C ARG C 193 -25.75 -40.53 11.26
N SER C 194 -24.88 -39.59 10.84
CA SER C 194 -23.58 -39.94 10.28
C SER C 194 -22.63 -38.75 10.29
N TYR C 195 -21.32 -39.01 10.13
CA TYR C 195 -20.30 -37.98 10.03
C TYR C 195 -19.45 -38.31 8.80
N SER C 196 -18.92 -37.26 8.17
CA SER C 196 -18.15 -37.38 6.96
C SER C 196 -16.88 -36.54 7.02
N CYS C 197 -15.84 -37.10 6.42
CA CYS C 197 -14.58 -36.44 6.16
C CYS C 197 -14.47 -36.23 4.65
N GLN C 198 -14.27 -34.98 4.21
CA GLN C 198 -14.15 -34.65 2.79
C GLN C 198 -12.77 -34.07 2.51
N VAL C 199 -12.04 -34.72 1.62
CA VAL C 199 -10.69 -34.30 1.32
C VAL C 199 -10.62 -33.75 -0.12
N THR C 200 -10.13 -32.52 -0.29
CA THR C 200 -9.99 -31.97 -1.61
C THR C 200 -8.51 -31.95 -1.97
N HIS C 201 -8.18 -32.49 -3.14
CA HIS C 201 -6.82 -32.51 -3.64
C HIS C 201 -6.84 -32.19 -5.14
N GLU C 202 -6.13 -31.15 -5.58
CA GLU C 202 -6.01 -30.78 -6.99
C GLU C 202 -7.39 -30.73 -7.65
N GLY C 203 -8.34 -30.06 -6.98
CA GLY C 203 -9.67 -29.83 -7.53
C GLY C 203 -10.64 -31.02 -7.40
N SER C 204 -10.18 -32.18 -6.90
CA SER C 204 -11.04 -33.35 -6.74
C SER C 204 -11.31 -33.63 -5.27
N THR C 205 -12.55 -34.05 -4.95
CA THR C 205 -12.95 -34.32 -3.58
C THR C 205 -13.25 -35.80 -3.37
N VAL C 206 -12.64 -36.35 -2.30
CA VAL C 206 -12.89 -37.70 -1.83
C VAL C 206 -13.64 -37.59 -0.52
N GLU C 207 -14.70 -38.39 -0.32
CA GLU C 207 -15.46 -38.32 0.92
C GLU C 207 -15.55 -39.72 1.54
N LYS C 208 -15.43 -39.79 2.87
CA LYS C 208 -15.70 -41.02 3.58
C LYS C 208 -16.66 -40.73 4.73
N THR C 209 -17.48 -41.73 5.09
CA THR C 209 -18.58 -41.58 6.03
C THR C 209 -18.61 -42.70 7.06
N VAL C 210 -18.96 -42.36 8.31
CA VAL C 210 -19.17 -43.36 9.33
C VAL C 210 -20.45 -42.99 10.07
N ALA C 211 -21.12 -44.01 10.64
CA ALA C 211 -22.30 -43.79 11.47
C ALA C 211 -22.21 -44.61 12.74
N PRO C 212 -22.78 -44.13 13.87
CA PRO C 212 -22.79 -44.85 15.14
C PRO C 212 -23.50 -46.21 15.06
N THR C 213 -24.48 -46.37 14.19
CA THR C 213 -25.20 -47.64 14.15
C THR C 213 -24.68 -48.62 13.08
N GLU C 214 -23.59 -48.34 12.34
CA GLU C 214 -23.21 -49.22 11.25
C GLU C 214 -21.75 -49.66 11.37
N CYS C 215 -21.36 -50.68 10.56
CA CYS C 215 -19.98 -51.11 10.27
C CYS C 215 -19.36 -51.92 11.43
N SER C 216 -19.80 -53.19 11.62
CA SER C 216 -19.42 -54.00 12.78
C SER C 216 -19.09 -55.46 12.40
#